data_5KWL
#
_entry.id   5KWL
#
_cell.length_a   1.0
_cell.length_b   1.0
_cell.length_c   1.0
_cell.angle_alpha   90.0
_cell.angle_beta   90.0
_cell.angle_gamma   90.0
#
_symmetry.space_group_name_H-M   'P 1'
#
loop_
_entity.id
_entity.type
_entity.pdbx_description
1 polymer VP1
2 polymer VP2
3 polymer VP3
4 polymer 'VHH 10E'
#
loop_
_entity_poly.entity_id
_entity_poly.type
_entity_poly.pdbx_seq_one_letter_code
_entity_poly.pdbx_strand_id
1 'polypeptide(L)'
;SRSESSIESFFARGACVTIMTVDNPASTTNKDKLFAVWKITYKDTVQLRRKLEFFTYSRFDMELTFVVTANFTETNNGHA
LNQVYQIMYVPPGAPVPEKWDDYTWQTSSNPSIFYTYGTAPARISVPYVGISNAYSHFYDGFSKVPLKDQSAALGDSIYG
AASLNDFGILAVRVVNDHNPTKVTSKIRVYLKPKHIRVWCPRPPRAVAY
;
1
2 'polypeptide(L)'
;SPNIEACGYSDRVLQLTLGNSTITTQEAANSVVAYGRWPEYLRDSEANPVDQPTEPDVAACRFYTLDTVSWTKESRGWWW
KLPDALRDMGLFGQNMYYHYLGRSGYTVHVQCNASKFHQGALGVFAVPEMCLAGDSNTTTMHTSYQNANPGEKGGTFTGT
FTPDNNQTSPARRFCPVDYLLGNGTLLGNAFVFPHQIINLRTNNCATLVLPYVNSLSIDSMVKHNNWGIAILPLAPLNFA
SESSPEIPITLTIAPMCCEFNGLRNITL
;
2
3 'polypeptide(L)'
;GLPVMNTPGSNQYLTADNFQSPCALPEFDVTPPIDIPGEVKNMMELAEIDTMIPFDLSATKKNTMEMYRVRLSDKPHTDD
PILCLSLSPASDPRLSHTMLGEILNYYTHWAGSLKFTFLFCGSMMATGKLLVSYAPPGADPPKKRKEAMLGTHVIWDIGL
QSSCTMVVPWISNTTYRQTIDDSFTEGGYISVFYQTRIVVPLSTPREMDILGFVSACNDFSVRLLRDTTH
;
3
4 'polypeptide(L)'
;QVQLQESGGGSVQPGGSLTLSCAASGYAVSRYSMGWFRQAPGKENEGVAAIDSSGVGTTYADSVKGRFTISRDNAKDTVY
LRMNSLKPEDTAIYYCASGFGLSLSRYTYAYWGQGTQVTVSSHH
;
7
#
# COMPACT_ATOMS: atom_id res chain seq x y z
N SER A 1 -2.32 -13.60 22.00
CA SER A 1 -3.76 -13.21 21.89
C SER A 1 -3.96 -12.35 20.65
N ARG A 2 -4.83 -12.80 19.75
CA ARG A 2 -5.11 -12.07 18.51
C ARG A 2 -6.38 -12.48 17.74
N SER A 3 -7.18 -13.36 18.33
CA SER A 3 -8.40 -13.86 17.69
C SER A 3 -9.32 -12.89 16.94
N GLU A 4 -9.59 -11.71 17.51
CA GLU A 4 -10.52 -10.77 16.87
C GLU A 4 -9.91 -10.01 15.69
N SER A 5 -8.73 -10.45 15.30
CA SER A 5 -8.02 -9.85 14.19
C SER A 5 -7.80 -10.83 13.04
N SER A 6 -8.26 -12.07 13.22
CA SER A 6 -8.12 -13.10 12.18
C SER A 6 -9.02 -12.78 10.99
N ILE A 7 -8.67 -13.33 9.84
CA ILE A 7 -9.44 -13.11 8.61
C ILE A 7 -10.95 -13.25 8.80
N GLU A 8 -11.42 -14.41 9.27
CA GLU A 8 -12.86 -14.60 9.51
C GLU A 8 -13.40 -13.45 10.33
N SER A 9 -12.78 -13.18 11.48
CA SER A 9 -13.21 -12.10 12.37
C SER A 9 -12.99 -10.68 11.84
N PHE A 10 -12.22 -10.52 10.75
CA PHE A 10 -12.01 -9.20 10.15
C PHE A 10 -13.19 -8.87 9.24
N PHE A 11 -13.75 -9.90 8.63
CA PHE A 11 -14.86 -9.73 7.72
C PHE A 11 -16.22 -10.15 8.26
N ALA A 12 -16.24 -10.77 9.44
CA ALA A 12 -17.48 -11.25 10.10
C ALA A 12 -18.55 -10.19 10.38
N ARG A 13 -18.54 -9.14 9.56
CA ARG A 13 -19.48 -8.03 9.62
C ARG A 13 -20.39 -7.98 8.41
N GLY A 14 -21.61 -7.52 8.66
CA GLY A 14 -22.59 -7.34 7.60
C GLY A 14 -22.45 -5.90 7.20
N ALA A 15 -22.26 -5.65 5.92
CA ALA A 15 -22.11 -4.30 5.42
C ALA A 15 -23.10 -4.06 4.30
N CYS A 16 -23.64 -2.84 4.22
CA CYS A 16 -24.58 -2.47 3.16
C CYS A 16 -23.84 -2.51 1.85
N VAL A 17 -24.49 -3.11 0.85
CA VAL A 17 -23.90 -3.25 -0.47
C VAL A 17 -24.67 -2.51 -1.55
N THR A 18 -25.92 -2.16 -1.25
CA THR A 18 -26.80 -1.46 -2.20
C THR A 18 -28.18 -1.24 -1.57
N ILE A 19 -28.98 -0.42 -2.23
CA ILE A 19 -30.35 -0.12 -1.79
C ILE A 19 -31.23 -0.12 -3.05
N MET A 20 -31.91 -1.22 -3.28
CA MET A 20 -32.80 -1.36 -4.44
C MET A 20 -34.08 -0.59 -4.15
N THR A 21 -34.61 0.05 -5.18
CA THR A 21 -35.83 0.84 -5.05
C THR A 21 -36.94 0.35 -5.98
N VAL A 22 -38.03 -0.10 -5.39
CA VAL A 22 -39.18 -0.59 -6.13
C VAL A 22 -40.41 0.21 -5.70
N ASP A 23 -41.57 -0.13 -6.27
CA ASP A 23 -42.84 0.55 -5.95
C ASP A 23 -44.08 -0.23 -6.38
N ASN A 24 -45.25 0.19 -5.90
CA ASN A 24 -46.49 -0.43 -6.33
C ASN A 24 -47.43 0.67 -6.80
N PRO A 25 -47.29 1.07 -8.09
CA PRO A 25 -48.20 2.10 -8.61
C PRO A 25 -49.51 1.41 -9.04
N ALA A 26 -50.54 2.21 -9.30
CA ALA A 26 -51.84 1.72 -9.79
C ALA A 26 -51.88 2.09 -11.28
N SER A 27 -50.81 2.78 -11.72
CA SER A 27 -50.63 3.29 -13.09
C SER A 27 -49.25 2.97 -13.74
N THR A 28 -48.84 3.86 -14.67
CA THR A 28 -47.58 3.81 -15.46
C THR A 28 -46.37 4.56 -14.80
N THR A 29 -45.64 3.80 -13.99
CA THR A 29 -44.46 4.24 -13.27
C THR A 29 -43.42 3.16 -13.64
N ASN A 30 -43.15 3.08 -14.95
CA ASN A 30 -42.24 2.11 -15.57
C ASN A 30 -40.73 2.12 -15.24
N LYS A 31 -40.29 3.18 -14.56
CA LYS A 31 -38.88 3.36 -14.15
C LYS A 31 -38.55 2.29 -13.11
N ASP A 32 -39.48 2.09 -12.17
CA ASP A 32 -39.36 1.06 -11.19
C ASP A 32 -40.24 -0.03 -11.77
N LYS A 33 -41.41 0.37 -12.28
CA LYS A 33 -42.40 -0.55 -12.85
C LYS A 33 -42.43 -1.71 -11.92
N LEU A 34 -42.60 -1.43 -10.62
CA LEU A 34 -42.63 -2.47 -9.60
C LEU A 34 -41.26 -3.21 -9.43
N PHE A 35 -40.41 -3.25 -10.46
CA PHE A 35 -39.14 -3.99 -10.36
C PHE A 35 -37.88 -3.14 -10.47
N ALA A 36 -36.81 -3.70 -9.95
CA ALA A 36 -35.52 -3.09 -10.00
C ALA A 36 -34.61 -4.26 -10.16
N VAL A 37 -33.56 -4.07 -10.93
CA VAL A 37 -32.61 -5.11 -11.16
C VAL A 37 -31.30 -4.53 -10.66
N TRP A 38 -30.52 -5.33 -9.94
CA TRP A 38 -29.23 -4.88 -9.45
C TRP A 38 -28.14 -5.93 -9.71
N LYS A 39 -27.04 -5.51 -10.34
CA LYS A 39 -25.95 -6.46 -10.64
C LYS A 39 -25.14 -6.59 -9.37
N ILE A 40 -25.15 -7.80 -8.82
CA ILE A 40 -24.46 -8.12 -7.57
C ILE A 40 -22.97 -7.93 -7.61
N THR A 41 -22.56 -6.84 -6.98
CA THR A 41 -21.17 -6.48 -6.90
C THR A 41 -20.96 -5.77 -5.57
N TYR A 42 -19.74 -5.90 -5.05
CA TYR A 42 -19.32 -5.28 -3.79
C TYR A 42 -18.84 -3.87 -4.07
N LYS A 43 -18.47 -3.68 -5.32
CA LYS A 43 -17.88 -2.48 -5.86
C LYS A 43 -18.73 -1.19 -5.85
N ASP A 44 -19.97 -1.29 -5.40
CA ASP A 44 -20.82 -0.11 -5.35
C ASP A 44 -20.63 0.68 -4.07
N THR A 45 -20.47 -0.02 -2.95
CA THR A 45 -20.19 0.66 -1.69
C THR A 45 -18.66 0.73 -1.60
N VAL A 46 -18.13 1.31 -0.52
CA VAL A 46 -16.67 1.45 -0.38
C VAL A 46 -16.03 0.77 0.82
N GLN A 47 -16.74 0.75 1.94
CA GLN A 47 -16.30 0.12 3.18
C GLN A 47 -15.99 -1.36 2.98
N LEU A 48 -16.92 -2.13 2.40
CA LEU A 48 -16.74 -3.58 2.16
C LEU A 48 -15.69 -3.84 1.11
N ARG A 49 -15.68 -2.97 0.11
CA ARG A 49 -14.75 -3.06 -0.99
C ARG A 49 -13.30 -2.95 -0.55
N ARG A 50 -12.97 -1.88 0.17
CA ARG A 50 -11.59 -1.68 0.64
C ARG A 50 -11.12 -2.80 1.57
N LYS A 51 -12.00 -3.26 2.45
CA LYS A 51 -11.72 -4.38 3.39
C LYS A 51 -11.31 -5.64 2.61
N LEU A 52 -11.93 -5.84 1.44
CA LEU A 52 -11.68 -6.98 0.55
C LEU A 52 -10.50 -6.75 -0.38
N GLU A 53 -10.16 -5.49 -0.59
CA GLU A 53 -9.05 -5.15 -1.48
C GLU A 53 -7.64 -5.27 -0.94
N PHE A 54 -7.47 -5.45 0.37
CA PHE A 54 -6.13 -5.64 0.95
C PHE A 54 -5.53 -6.95 0.45
N PHE A 55 -6.32 -7.71 -0.29
CA PHE A 55 -5.87 -8.96 -0.86
C PHE A 55 -6.22 -8.98 -2.35
N THR A 56 -5.67 -9.96 -3.07
CA THR A 56 -5.89 -10.12 -4.51
C THR A 56 -6.96 -11.16 -4.84
N TYR A 57 -6.91 -12.26 -4.11
CA TYR A 57 -7.83 -13.38 -4.28
C TYR A 57 -8.56 -13.73 -3.00
N SER A 58 -9.64 -14.50 -3.14
CA SER A 58 -10.44 -14.93 -1.99
C SER A 58 -11.56 -15.89 -2.34
N ARG A 59 -11.80 -16.84 -1.45
CA ARG A 59 -12.92 -17.78 -1.57
C ARG A 59 -13.80 -17.34 -0.44
N PHE A 60 -15.09 -17.21 -0.70
CA PHE A 60 -16.04 -16.81 0.34
C PHE A 60 -17.49 -17.19 0.17
N ASP A 61 -17.98 -17.84 1.21
CA ASP A 61 -19.34 -18.29 1.31
C ASP A 61 -20.06 -16.96 1.51
N MET A 62 -21.00 -16.64 0.63
CA MET A 62 -21.71 -15.36 0.75
C MET A 62 -23.16 -15.45 1.29
N GLU A 63 -23.35 -14.84 2.46
CA GLU A 63 -24.63 -14.79 3.19
C GLU A 63 -25.35 -13.42 3.12
N LEU A 64 -26.41 -13.35 2.32
CA LEU A 64 -27.16 -12.11 2.20
C LEU A 64 -28.36 -12.04 3.11
N THR A 65 -28.71 -10.82 3.48
CA THR A 65 -29.85 -10.53 4.35
C THR A 65 -30.59 -9.31 3.77
N PHE A 66 -31.92 -9.40 3.67
CA PHE A 66 -32.73 -8.32 3.08
C PHE A 66 -33.73 -7.61 3.99
N VAL A 67 -33.48 -6.32 4.26
CA VAL A 67 -34.37 -5.51 5.10
C VAL A 67 -35.22 -4.67 4.17
N VAL A 68 -36.53 -4.83 4.32
CA VAL A 68 -37.46 -4.13 3.46
C VAL A 68 -38.30 -3.17 4.25
N THR A 69 -38.29 -1.92 3.79
CA THR A 69 -39.06 -0.85 4.43
C THR A 69 -40.04 -0.35 3.40
N ALA A 70 -41.22 0.08 3.84
CA ALA A 70 -42.24 0.60 2.94
C ALA A 70 -42.78 1.92 3.43
N ASN A 71 -43.54 2.60 2.58
CA ASN A 71 -44.19 3.90 2.90
C ASN A 71 -45.08 4.44 1.76
N PHE A 72 -46.11 5.18 2.14
CA PHE A 72 -47.05 5.79 1.21
C PHE A 72 -46.44 7.10 0.75
N THR A 73 -46.59 7.41 -0.54
CA THR A 73 -46.01 8.63 -1.14
C THR A 73 -46.88 9.87 -1.23
N GLU A 74 -48.09 9.67 -1.76
CA GLU A 74 -49.05 10.75 -1.92
C GLU A 74 -49.76 10.97 -0.60
N THR A 75 -49.86 12.26 -0.20
CA THR A 75 -50.52 12.68 1.06
C THR A 75 -52.00 12.37 0.90
N ASN A 76 -52.27 11.11 1.15
CA ASN A 76 -53.57 10.54 1.02
C ASN A 76 -53.79 9.72 2.28
N ASN A 77 -55.07 9.51 2.57
CA ASN A 77 -55.55 8.72 3.71
C ASN A 77 -55.83 7.28 3.22
N GLY A 78 -55.35 7.00 2.00
CA GLY A 78 -55.48 5.70 1.36
C GLY A 78 -54.76 4.59 2.10
N HIS A 79 -55.31 3.38 2.01
CA HIS A 79 -54.83 2.19 2.70
C HIS A 79 -54.23 1.17 1.76
N ALA A 80 -53.66 0.13 2.36
CA ALA A 80 -53.03 -0.97 1.65
C ALA A 80 -52.85 -2.12 2.62
N LEU A 81 -52.92 -3.34 2.11
CA LEU A 81 -52.72 -4.51 2.94
C LEU A 81 -51.23 -4.78 2.99
N ASN A 82 -50.82 -5.60 3.96
CA ASN A 82 -49.42 -5.93 4.11
C ASN A 82 -48.98 -6.56 2.79
N GLN A 83 -47.89 -6.05 2.21
CA GLN A 83 -47.40 -6.50 0.91
C GLN A 83 -46.35 -7.60 0.86
N VAL A 84 -46.31 -8.34 -0.25
CA VAL A 84 -45.33 -9.40 -0.40
C VAL A 84 -44.37 -9.01 -1.51
N TYR A 85 -43.12 -9.34 -1.28
CA TYR A 85 -42.08 -9.03 -2.24
C TYR A 85 -41.44 -10.29 -2.72
N GLN A 86 -40.82 -10.21 -3.89
CA GLN A 86 -40.13 -11.35 -4.42
C GLN A 86 -38.73 -10.89 -4.64
N ILE A 87 -37.79 -11.63 -4.09
CA ILE A 87 -36.39 -11.34 -4.23
C ILE A 87 -35.79 -12.57 -4.90
N MET A 88 -35.23 -12.37 -6.09
CA MET A 88 -34.60 -13.45 -6.82
C MET A 88 -33.13 -13.22 -6.98
N TYR A 89 -32.40 -14.30 -6.77
CA TYR A 89 -31.00 -14.29 -6.98
C TYR A 89 -30.94 -15.05 -8.30
N VAL A 90 -30.42 -14.41 -9.35
CA VAL A 90 -30.32 -15.08 -10.63
C VAL A 90 -28.86 -15.53 -10.70
N PRO A 91 -28.63 -16.85 -10.69
CA PRO A 91 -27.29 -17.42 -10.72
C PRO A 91 -26.46 -16.88 -11.86
N PRO A 92 -25.19 -16.55 -11.59
CA PRO A 92 -24.23 -15.99 -12.53
C PRO A 92 -24.47 -16.31 -14.01
N GLY A 93 -24.66 -15.24 -14.79
CA GLY A 93 -24.89 -15.30 -16.21
C GLY A 93 -26.08 -16.15 -16.62
N ALA A 94 -27.27 -15.62 -16.41
CA ALA A 94 -28.51 -16.30 -16.79
C ALA A 94 -29.39 -15.22 -17.43
N PRO A 95 -30.59 -15.57 -17.95
CA PRO A 95 -31.41 -14.50 -18.56
C PRO A 95 -31.68 -13.35 -17.60
N VAL A 96 -31.40 -12.13 -18.05
CA VAL A 96 -31.58 -10.92 -17.23
C VAL A 96 -33.03 -10.41 -17.40
N PRO A 97 -33.75 -10.20 -16.26
CA PRO A 97 -35.15 -9.73 -16.36
C PRO A 97 -35.27 -8.24 -16.62
N GLU A 98 -36.22 -7.90 -17.47
CA GLU A 98 -36.51 -6.53 -17.85
C GLU A 98 -37.85 -6.31 -17.18
N LYS A 99 -38.93 -6.36 -17.97
CA LYS A 99 -40.35 -6.22 -17.55
C LYS A 99 -40.70 -7.04 -16.32
N TRP A 100 -41.66 -6.58 -15.51
CA TRP A 100 -42.02 -7.36 -14.34
C TRP A 100 -42.93 -8.51 -14.75
N ASP A 101 -43.26 -8.56 -16.04
CA ASP A 101 -44.18 -9.57 -16.56
C ASP A 101 -43.53 -10.85 -17.09
N ASP A 102 -42.63 -10.69 -18.05
CA ASP A 102 -41.90 -11.77 -18.75
C ASP A 102 -41.60 -13.13 -18.08
N TYR A 103 -41.49 -14.13 -18.95
CA TYR A 103 -41.22 -15.52 -18.61
C TYR A 103 -40.12 -15.73 -17.57
N THR A 104 -38.96 -15.12 -17.79
CA THR A 104 -37.79 -15.22 -16.91
C THR A 104 -38.13 -15.26 -15.45
N TRP A 105 -39.22 -14.56 -15.13
CA TRP A 105 -39.70 -14.42 -13.80
C TRP A 105 -40.38 -15.71 -13.28
N GLN A 106 -40.27 -16.80 -14.04
CA GLN A 106 -40.86 -18.06 -13.63
C GLN A 106 -39.78 -19.09 -13.25
N THR A 107 -38.55 -18.61 -13.37
CA THR A 107 -37.30 -19.26 -13.01
C THR A 107 -37.15 -20.76 -12.67
N SER A 108 -37.67 -21.63 -13.53
CA SER A 108 -37.54 -23.06 -13.27
C SER A 108 -36.28 -23.45 -12.45
N SER A 109 -35.11 -22.97 -12.87
CA SER A 109 -33.82 -23.25 -12.21
C SER A 109 -33.34 -22.25 -11.17
N ASN A 110 -33.55 -20.95 -11.39
CA ASN A 110 -33.06 -19.91 -10.47
C ASN A 110 -33.85 -19.93 -9.17
N PRO A 111 -33.19 -19.56 -8.05
CA PRO A 111 -33.88 -19.50 -6.77
C PRO A 111 -34.78 -18.28 -6.74
N SER A 112 -35.59 -18.18 -5.68
CA SER A 112 -36.51 -17.08 -5.45
C SER A 112 -36.93 -17.09 -4.00
N ILE A 113 -37.19 -15.91 -3.45
CA ILE A 113 -37.62 -15.79 -2.06
C ILE A 113 -38.78 -14.83 -1.94
N PHE A 114 -39.87 -15.32 -1.37
CA PHE A 114 -41.03 -14.48 -1.12
C PHE A 114 -40.88 -14.01 0.32
N TYR A 115 -40.98 -12.70 0.50
CA TYR A 115 -40.83 -12.05 1.80
C TYR A 115 -42.08 -11.30 2.14
N THR A 116 -42.72 -11.71 3.21
CA THR A 116 -43.91 -11.02 3.65
C THR A 116 -43.36 -9.88 4.50
N TYR A 117 -43.93 -8.70 4.32
CA TYR A 117 -43.54 -7.49 5.02
C TYR A 117 -43.96 -7.58 6.47
N GLY A 118 -43.23 -6.87 7.33
CA GLY A 118 -43.52 -6.87 8.76
C GLY A 118 -42.83 -7.93 9.58
N THR A 119 -42.21 -8.93 8.94
CA THR A 119 -41.49 -9.98 9.70
C THR A 119 -39.95 -9.78 9.73
N ALA A 120 -39.22 -10.79 10.17
CA ALA A 120 -37.77 -10.73 10.26
C ALA A 120 -37.18 -10.66 8.87
N PRO A 121 -36.32 -9.66 8.62
CA PRO A 121 -35.66 -9.52 7.34
C PRO A 121 -35.17 -10.85 6.68
N ALA A 122 -35.27 -10.96 5.35
CA ALA A 122 -34.89 -12.16 4.58
C ALA A 122 -33.42 -12.57 4.62
N ARG A 123 -33.13 -13.86 4.41
CA ARG A 123 -31.74 -14.36 4.47
C ARG A 123 -31.39 -15.64 3.71
N ILE A 124 -30.43 -15.53 2.79
CA ILE A 124 -29.93 -16.67 1.99
C ILE A 124 -28.41 -16.86 1.90
N SER A 125 -28.02 -18.13 1.74
CA SER A 125 -26.63 -18.53 1.62
C SER A 125 -26.33 -18.97 0.19
N VAL A 126 -25.26 -18.42 -0.36
CA VAL A 126 -24.83 -18.74 -1.69
C VAL A 126 -23.39 -19.24 -1.50
N PRO A 127 -23.09 -20.48 -1.93
CA PRO A 127 -21.73 -21.01 -1.74
C PRO A 127 -20.75 -20.34 -2.68
N TYR A 128 -19.47 -20.63 -2.51
CA TYR A 128 -18.44 -20.07 -3.38
C TYR A 128 -18.84 -20.34 -4.84
N VAL A 129 -19.41 -19.32 -5.48
CA VAL A 129 -19.85 -19.49 -6.86
C VAL A 129 -18.81 -19.05 -7.88
N GLY A 130 -17.55 -19.15 -7.51
CA GLY A 130 -16.49 -18.77 -8.41
C GLY A 130 -16.31 -19.73 -9.58
N ILE A 131 -15.99 -19.17 -10.74
CA ILE A 131 -15.75 -19.96 -11.95
C ILE A 131 -14.30 -20.45 -11.95
N SER A 132 -13.49 -19.79 -11.13
CA SER A 132 -12.07 -20.04 -10.94
C SER A 132 -11.85 -20.59 -9.53
N ASN A 133 -10.62 -20.94 -9.17
CA ASN A 133 -10.33 -21.44 -7.83
C ASN A 133 -10.51 -20.31 -6.82
N ALA A 134 -10.40 -19.06 -7.28
CA ALA A 134 -10.55 -17.89 -6.42
C ALA A 134 -11.19 -16.72 -7.15
N TYR A 135 -11.76 -15.79 -6.38
CA TYR A 135 -12.33 -14.59 -6.98
C TYR A 135 -11.15 -13.65 -7.14
N SER A 136 -11.12 -12.94 -8.27
CA SER A 136 -10.04 -12.01 -8.57
C SER A 136 -10.47 -10.58 -8.28
N HIS A 137 -9.99 -10.03 -7.17
CA HIS A 137 -10.32 -8.64 -6.82
C HIS A 137 -9.82 -7.74 -7.94
N PHE A 138 -8.53 -7.81 -8.23
CA PHE A 138 -7.93 -7.07 -9.34
C PHE A 138 -7.63 -8.16 -10.33
N TYR A 139 -7.81 -7.85 -11.61
CA TYR A 139 -7.55 -8.82 -12.66
C TYR A 139 -6.62 -8.28 -13.70
N ASP A 140 -5.74 -9.15 -14.17
CA ASP A 140 -4.80 -8.74 -15.16
C ASP A 140 -4.96 -9.62 -16.39
N GLY A 141 -4.66 -9.07 -17.55
CA GLY A 141 -4.75 -9.76 -18.84
C GLY A 141 -5.78 -9.11 -19.74
N PHE A 142 -6.38 -9.89 -20.64
CA PHE A 142 -7.42 -9.42 -21.59
C PHE A 142 -8.54 -10.43 -21.81
N ALA A 162 -14.44 -3.63 -14.35
CA ALA A 162 -14.69 -4.56 -15.45
C ALA A 162 -15.89 -5.47 -15.10
N SER A 163 -15.85 -6.71 -15.57
CA SER A 163 -16.87 -7.70 -15.28
C SER A 163 -16.51 -8.39 -13.96
N LEU A 164 -15.20 -8.31 -13.63
CA LEU A 164 -14.62 -8.89 -12.43
C LEU A 164 -14.72 -10.41 -12.57
N ASN A 165 -15.49 -11.01 -11.66
CA ASN A 165 -15.74 -12.43 -11.64
C ASN A 165 -17.22 -12.71 -11.92
N ASP A 166 -18.09 -11.92 -11.27
CA ASP A 166 -19.57 -12.00 -11.36
C ASP A 166 -20.20 -12.80 -10.21
N PHE A 167 -21.24 -12.22 -9.63
CA PHE A 167 -21.94 -12.88 -8.52
C PHE A 167 -23.43 -12.97 -8.79
N GLY A 168 -23.80 -12.97 -10.06
CA GLY A 168 -25.22 -13.03 -10.43
C GLY A 168 -25.89 -11.67 -10.28
N ILE A 169 -27.22 -11.65 -10.30
CA ILE A 169 -28.02 -10.41 -10.17
C ILE A 169 -29.23 -10.59 -9.26
N LEU A 170 -29.71 -9.47 -8.71
CA LEU A 170 -30.87 -9.48 -7.85
C LEU A 170 -31.98 -8.66 -8.45
N ALA A 171 -33.16 -9.28 -8.51
CA ALA A 171 -34.36 -8.67 -9.04
C ALA A 171 -35.37 -8.70 -7.93
N VAL A 172 -36.12 -7.62 -7.82
CA VAL A 172 -37.14 -7.50 -6.79
C VAL A 172 -38.36 -6.78 -7.33
N ARG A 173 -39.55 -7.30 -7.01
CA ARG A 173 -40.82 -6.70 -7.43
C ARG A 173 -41.86 -6.85 -6.33
N VAL A 174 -42.92 -6.07 -6.43
CA VAL A 174 -44.01 -6.16 -5.50
C VAL A 174 -44.88 -7.20 -6.20
N VAL A 175 -45.32 -8.23 -5.49
CA VAL A 175 -46.12 -9.30 -6.10
C VAL A 175 -47.60 -8.97 -6.07
N ASN A 176 -48.03 -8.33 -4.98
CA ASN A 176 -49.42 -7.93 -4.78
C ASN A 176 -49.74 -7.07 -5.98
N ASP A 177 -51.01 -7.04 -6.39
CA ASP A 177 -51.38 -6.23 -7.57
C ASP A 177 -51.75 -4.79 -7.27
N HIS A 178 -51.61 -3.98 -8.31
CA HIS A 178 -51.86 -2.52 -8.33
C HIS A 178 -52.98 -1.98 -7.43
N ASN A 179 -52.51 -1.32 -6.39
CA ASN A 179 -53.32 -0.76 -5.34
C ASN A 179 -53.44 0.75 -5.54
N PRO A 180 -54.70 1.28 -5.57
CA PRO A 180 -54.99 2.72 -5.73
C PRO A 180 -54.02 3.68 -5.01
N THR A 181 -53.54 3.23 -3.85
CA THR A 181 -52.61 3.98 -3.05
C THR A 181 -51.20 3.44 -3.41
N LYS A 182 -50.38 4.31 -4.02
CA LYS A 182 -49.02 3.99 -4.44
C LYS A 182 -48.10 3.82 -3.23
N VAL A 183 -47.36 2.71 -3.22
CA VAL A 183 -46.45 2.40 -2.12
C VAL A 183 -44.99 2.24 -2.55
N THR A 184 -44.12 3.07 -1.94
CA THR A 184 -42.68 3.04 -2.21
C THR A 184 -41.98 2.11 -1.24
N SER A 185 -41.04 1.35 -1.78
CA SER A 185 -40.28 0.40 -1.01
C SER A 185 -38.79 0.48 -1.31
N LYS A 186 -37.99 0.04 -0.33
CA LYS A 186 -36.53 0.00 -0.43
C LYS A 186 -35.98 -1.24 0.23
N ILE A 187 -35.32 -2.04 -0.60
CA ILE A 187 -34.72 -3.28 -0.17
C ILE A 187 -33.24 -3.04 0.05
N ARG A 188 -32.81 -3.18 1.29
CA ARG A 188 -31.41 -3.03 1.64
C ARG A 188 -30.75 -4.39 1.65
N VAL A 189 -29.63 -4.50 0.95
CA VAL A 189 -28.91 -5.76 0.87
C VAL A 189 -27.66 -5.68 1.72
N TYR A 190 -27.39 -6.77 2.43
CA TYR A 190 -26.25 -6.90 3.30
C TYR A 190 -25.45 -8.16 3.02
N LEU A 191 -24.15 -7.97 2.83
CA LEU A 191 -23.28 -9.06 2.49
C LEU A 191 -22.30 -9.41 3.59
N LYS A 192 -22.44 -10.61 4.15
CA LYS A 192 -21.53 -11.11 5.17
C LYS A 192 -20.75 -12.23 4.52
N PRO A 193 -19.47 -12.00 4.21
CA PRO A 193 -18.73 -13.12 3.63
C PRO A 193 -18.40 -14.12 4.78
N LYS A 194 -18.77 -15.39 4.66
CA LYS A 194 -18.43 -16.35 5.72
C LYS A 194 -17.44 -17.40 5.23
N HIS A 195 -16.77 -18.08 6.17
CA HIS A 195 -15.75 -19.11 5.86
C HIS A 195 -14.86 -18.62 4.72
N ILE A 196 -14.35 -17.40 4.90
CA ILE A 196 -13.50 -16.72 3.91
C ILE A 196 -11.98 -16.92 4.06
N ARG A 197 -11.33 -17.17 2.93
CA ARG A 197 -9.90 -17.36 2.82
C ARG A 197 -9.44 -16.36 1.78
N VAL A 198 -8.17 -15.98 1.81
CA VAL A 198 -7.60 -15.02 0.84
C VAL A 198 -6.22 -15.50 0.37
N TRP A 199 -5.64 -14.83 -0.63
CA TRP A 199 -4.30 -15.19 -1.14
C TRP A 199 -3.23 -14.08 -1.15
N CYS A 200 -2.61 -13.76 -2.29
CA CYS A 200 -1.55 -12.72 -2.32
C CYS A 200 -1.96 -11.29 -1.90
N PRO A 201 -1.14 -10.64 -1.05
CA PRO A 201 -1.48 -9.31 -0.56
C PRO A 201 -0.81 -8.09 -1.23
N ARG A 202 -1.64 -7.18 -1.75
CA ARG A 202 -1.16 -5.95 -2.40
C ARG A 202 -1.30 -4.78 -1.46
N PRO A 203 -0.52 -3.70 -1.66
CA PRO A 203 -0.64 -2.52 -0.81
C PRO A 203 -2.04 -1.94 -1.00
N PRO A 204 -2.62 -1.33 0.05
CA PRO A 204 -3.96 -0.80 -0.10
C PRO A 204 -4.12 0.40 -1.05
N ARG A 205 -5.36 0.61 -1.48
CA ARG A 205 -5.77 1.72 -2.34
C ARG A 205 -5.74 2.92 -1.42
N ALA A 206 -4.80 3.80 -1.65
CA ALA A 206 -4.67 4.99 -0.83
C ALA A 206 -5.83 5.97 -1.09
N VAL A 207 -5.94 6.37 -2.36
CA VAL A 207 -6.94 7.33 -2.87
C VAL A 207 -8.37 6.80 -3.09
N ALA A 208 -9.19 7.70 -3.61
CA ALA A 208 -10.56 7.42 -3.91
C ALA A 208 -10.59 6.48 -5.11
N TYR A 209 -11.68 5.73 -5.18
CA TYR A 209 -11.92 4.79 -6.26
C TYR A 209 -12.66 5.49 -7.40
N SER B 1 13.04 -5.27 4.50
CA SER B 1 12.54 -6.69 4.56
C SER B 1 13.70 -7.63 4.34
N PRO B 2 14.57 -7.27 3.38
CA PRO B 2 15.77 -7.94 2.96
C PRO B 2 16.97 -7.33 3.66
N ASN B 3 17.00 -7.48 4.97
CA ASN B 3 18.06 -6.97 5.79
C ASN B 3 19.16 -8.02 5.98
N ILE B 4 19.91 -8.26 4.91
CA ILE B 4 20.99 -9.25 4.93
C ILE B 4 22.35 -8.59 4.73
N GLU B 5 23.40 -9.32 5.08
CA GLU B 5 24.76 -8.81 4.94
C GLU B 5 25.71 -9.98 4.64
N ALA B 6 25.59 -10.55 3.44
CA ALA B 6 26.45 -11.67 3.03
C ALA B 6 27.90 -11.44 3.47
N CYS B 7 28.71 -10.85 2.60
CA CYS B 7 30.10 -10.56 2.90
C CYS B 7 30.38 -9.10 2.55
N GLY B 8 30.17 -8.77 1.27
CA GLY B 8 30.39 -7.41 0.80
C GLY B 8 31.00 -7.37 -0.60
N TYR B 9 32.17 -7.99 -0.76
CA TYR B 9 32.85 -7.99 -2.06
C TYR B 9 32.52 -9.26 -2.83
N SER B 10 33.56 -10.05 -3.07
CA SER B 10 33.42 -11.30 -3.79
C SER B 10 34.24 -12.39 -3.08
N ASP B 11 33.66 -13.59 -2.98
CA ASP B 11 34.30 -14.72 -2.33
C ASP B 11 34.63 -15.82 -3.32
N ARG B 12 33.59 -16.57 -3.71
CA ARG B 12 33.74 -17.68 -4.63
C ARG B 12 32.73 -17.62 -5.77
N VAL B 13 33.21 -18.03 -6.95
CA VAL B 13 32.41 -18.06 -8.17
C VAL B 13 31.94 -19.48 -8.51
N LEU B 14 30.63 -19.65 -8.36
CA LEU B 14 29.98 -20.90 -8.62
C LEU B 14 28.98 -20.69 -9.75
N GLN B 15 29.34 -21.27 -10.89
CA GLN B 15 28.56 -21.18 -12.13
C GLN B 15 27.40 -22.19 -12.29
N LEU B 16 26.22 -21.64 -12.61
CA LEU B 16 25.03 -22.46 -12.79
C LEU B 16 25.01 -22.83 -14.27
N THR B 17 25.01 -24.14 -14.54
CA THR B 17 24.97 -24.65 -15.92
C THR B 17 23.75 -25.54 -16.07
N LEU B 18 22.67 -24.97 -16.63
CA LEU B 18 21.44 -25.74 -16.83
C LEU B 18 21.18 -26.00 -18.29
N GLY B 19 21.75 -27.12 -18.76
CA GLY B 19 21.64 -27.54 -20.13
C GLY B 19 22.73 -26.89 -20.96
N ASN B 20 22.30 -26.25 -22.03
CA ASN B 20 23.17 -25.53 -22.97
C ASN B 20 23.66 -24.20 -22.36
N SER B 21 22.83 -23.60 -21.51
CA SER B 21 23.10 -22.32 -20.84
C SER B 21 24.11 -22.41 -19.69
N THR B 22 24.84 -21.30 -19.44
CA THR B 22 25.87 -21.21 -18.38
C THR B 22 26.06 -19.81 -17.75
N ILE B 23 25.54 -19.63 -16.54
CA ILE B 23 25.70 -18.37 -15.82
C ILE B 23 26.85 -18.66 -14.85
N THR B 24 27.61 -17.62 -14.51
CA THR B 24 28.69 -17.68 -13.54
C THR B 24 28.25 -16.67 -12.50
N THR B 25 27.44 -17.14 -11.57
CA THR B 25 26.90 -16.29 -10.51
C THR B 25 27.99 -15.70 -9.63
N GLN B 26 27.69 -14.51 -9.09
CA GLN B 26 28.59 -13.72 -8.20
C GLN B 26 29.12 -14.63 -7.08
N GLU B 27 28.21 -15.48 -6.63
CA GLU B 27 28.42 -16.49 -5.62
C GLU B 27 27.29 -17.44 -6.03
N ALA B 28 26.13 -17.33 -5.36
CA ALA B 28 24.89 -18.11 -5.59
C ALA B 28 23.94 -17.89 -4.40
N ALA B 29 24.55 -17.82 -3.20
CA ALA B 29 23.83 -17.60 -1.93
C ALA B 29 23.18 -16.21 -1.89
N ASN B 30 22.08 -16.16 -1.14
CA ASN B 30 21.21 -15.00 -0.91
C ASN B 30 20.14 -15.05 -2.02
N SER B 31 19.25 -16.02 -1.85
CA SER B 31 18.14 -16.29 -2.76
C SER B 31 16.85 -16.26 -1.96
N VAL B 32 15.81 -15.66 -2.53
CA VAL B 32 14.51 -15.55 -1.86
C VAL B 32 13.39 -16.28 -2.57
N VAL B 33 12.78 -17.22 -1.83
CA VAL B 33 11.66 -18.03 -2.29
C VAL B 33 10.43 -17.18 -2.01
N ALA B 34 9.58 -17.07 -3.01
CA ALA B 34 8.36 -16.30 -2.90
C ALA B 34 7.29 -17.04 -2.13
N TYR B 35 6.99 -16.52 -0.94
CA TYR B 35 5.99 -17.09 -0.02
C TYR B 35 6.40 -18.44 0.55
N GLY B 36 7.69 -18.78 0.43
CA GLY B 36 8.24 -20.04 0.93
C GLY B 36 7.85 -21.31 0.18
N ARG B 37 7.49 -21.14 -1.10
CA ARG B 37 7.06 -22.24 -1.99
C ARG B 37 7.91 -22.40 -3.26
N TRP B 38 8.57 -23.55 -3.37
CA TRP B 38 9.39 -23.86 -4.56
C TRP B 38 8.45 -24.25 -5.68
N PRO B 39 8.85 -24.03 -6.95
CA PRO B 39 7.93 -24.39 -8.03
C PRO B 39 7.80 -25.89 -8.11
N GLU B 40 6.64 -26.36 -8.58
CA GLU B 40 6.41 -27.80 -8.69
C GLU B 40 5.43 -28.13 -9.82
N TYR B 41 5.33 -29.41 -10.12
CA TYR B 41 4.40 -29.91 -11.13
C TYR B 41 2.98 -29.97 -10.55
N LEU B 42 1.98 -29.90 -11.42
CA LEU B 42 0.58 -29.94 -10.99
C LEU B 42 0.24 -31.21 -10.20
N GLU B 55 7.03 -32.25 -25.13
CA GLU B 55 7.61 -31.99 -23.79
C GLU B 55 9.18 -31.87 -23.68
N PRO B 56 9.76 -30.73 -24.15
CA PRO B 56 11.19 -30.52 -23.91
C PRO B 56 11.29 -30.09 -22.43
N ASP B 57 11.81 -31.01 -21.62
CA ASP B 57 11.98 -30.84 -20.18
C ASP B 57 13.27 -30.10 -19.80
N VAL B 58 14.36 -30.83 -19.55
CA VAL B 58 15.68 -30.24 -19.20
C VAL B 58 16.26 -29.40 -20.36
N ALA B 59 15.76 -29.69 -21.57
CA ALA B 59 16.13 -28.99 -22.78
C ALA B 59 15.46 -27.59 -22.81
N ALA B 60 14.24 -27.51 -22.29
CA ALA B 60 13.47 -26.25 -22.23
C ALA B 60 13.54 -25.50 -20.90
N CYS B 61 14.07 -26.14 -19.86
CA CYS B 61 14.22 -25.52 -18.54
C CYS B 61 15.66 -25.01 -18.32
N ARG B 62 16.01 -24.01 -19.13
CA ARG B 62 17.32 -23.36 -19.12
C ARG B 62 17.23 -21.83 -19.19
N PHE B 63 18.02 -21.15 -18.38
CA PHE B 63 18.01 -19.69 -18.33
C PHE B 63 18.39 -18.97 -19.63
N TYR B 64 17.46 -18.12 -20.06
CA TYR B 64 17.61 -17.30 -21.26
C TYR B 64 17.80 -15.87 -20.81
N THR B 65 18.80 -15.22 -21.38
CA THR B 65 19.11 -13.86 -21.03
C THR B 65 18.33 -12.88 -21.90
N LEU B 66 17.67 -11.92 -21.25
CA LEU B 66 16.93 -10.90 -21.96
C LEU B 66 17.94 -9.83 -22.31
N ASP B 67 17.45 -8.77 -22.93
CA ASP B 67 18.30 -7.65 -23.32
C ASP B 67 18.76 -6.84 -22.10
N THR B 68 19.96 -6.30 -22.22
CA THR B 68 20.56 -5.51 -21.17
C THR B 68 20.05 -4.07 -21.29
N VAL B 69 19.61 -3.51 -20.16
CA VAL B 69 19.13 -2.12 -20.06
C VAL B 69 20.10 -1.22 -19.31
N SER B 70 20.14 0.05 -19.71
CA SER B 70 21.06 1.04 -19.13
C SER B 70 20.51 1.90 -17.96
N TRP B 71 21.13 1.74 -16.80
CA TRP B 71 20.77 2.44 -15.57
C TRP B 71 21.62 3.70 -15.49
N THR B 72 20.94 4.85 -15.50
CA THR B 72 21.56 6.17 -15.48
C THR B 72 20.90 7.01 -14.38
N LYS B 73 21.56 8.09 -13.94
CA LYS B 73 21.01 8.98 -12.87
C LYS B 73 19.53 9.37 -12.97
N GLU B 74 19.03 9.40 -14.19
CA GLU B 74 17.65 9.79 -14.53
C GLU B 74 16.67 8.66 -14.78
N SER B 75 17.12 7.43 -14.64
CA SER B 75 16.29 6.26 -14.83
C SER B 75 15.08 6.31 -13.91
N ARG B 76 13.92 5.91 -14.41
CA ARG B 76 12.72 5.93 -13.59
C ARG B 76 12.42 4.53 -13.15
N GLY B 77 12.90 3.57 -13.94
CA GLY B 77 12.69 2.18 -13.64
C GLY B 77 12.39 1.38 -14.89
N TRP B 78 12.08 0.11 -14.68
CA TRP B 78 11.76 -0.83 -15.73
C TRP B 78 10.81 -1.91 -15.22
N TRP B 79 10.12 -2.56 -16.15
CA TRP B 79 9.18 -3.63 -15.84
C TRP B 79 9.07 -4.66 -16.95
N TRP B 80 8.77 -5.90 -16.56
CA TRP B 80 8.60 -7.01 -17.49
C TRP B 80 7.45 -7.91 -17.09
N LYS B 81 7.00 -8.74 -18.03
CA LYS B 81 5.90 -9.64 -17.78
C LYS B 81 6.26 -11.08 -18.06
N LEU B 82 5.77 -11.96 -17.21
CA LEU B 82 5.97 -13.40 -17.37
C LEU B 82 4.62 -14.10 -17.43
N PRO B 83 4.46 -15.04 -18.36
CA PRO B 83 5.51 -15.47 -19.30
C PRO B 83 6.05 -14.48 -20.36
N ASP B 84 5.18 -13.62 -20.87
CA ASP B 84 5.50 -12.63 -21.92
C ASP B 84 6.96 -12.35 -22.35
N ALA B 85 7.83 -11.99 -21.40
CA ALA B 85 9.23 -11.69 -21.71
C ALA B 85 9.87 -12.76 -22.56
N LEU B 86 9.86 -13.97 -22.02
CA LEU B 86 10.42 -15.13 -22.66
C LEU B 86 9.48 -15.72 -23.72
N ARG B 87 8.84 -14.89 -24.54
CA ARG B 87 7.95 -15.46 -25.56
C ARG B 87 8.69 -15.80 -26.87
N ASP B 88 9.87 -15.22 -27.01
CA ASP B 88 10.75 -15.38 -28.19
C ASP B 88 11.91 -16.38 -27.98
N MET B 89 12.04 -16.87 -26.74
CA MET B 89 13.11 -17.81 -26.32
C MET B 89 12.82 -19.24 -26.76
N GLY B 90 13.58 -19.67 -27.77
CA GLY B 90 13.53 -21.00 -28.38
C GLY B 90 12.51 -21.99 -27.89
N LEU B 91 12.96 -23.07 -27.27
CA LEU B 91 12.08 -24.13 -26.76
C LEU B 91 10.93 -23.73 -25.84
N PHE B 92 11.14 -22.71 -25.00
CA PHE B 92 10.08 -22.24 -24.11
C PHE B 92 9.03 -21.40 -24.86
N GLY B 93 9.46 -20.57 -25.80
CA GLY B 93 8.55 -19.74 -26.58
C GLY B 93 7.65 -20.58 -27.43
N GLN B 94 8.22 -21.66 -27.98
CA GLN B 94 7.49 -22.57 -28.86
C GLN B 94 6.40 -23.36 -28.14
N ASN B 95 6.78 -24.14 -27.13
CA ASN B 95 5.82 -24.93 -26.32
C ASN B 95 4.74 -24.03 -25.71
N MET B 96 5.08 -22.74 -25.54
CA MET B 96 4.16 -21.76 -25.02
C MET B 96 3.15 -21.43 -26.10
N TYR B 97 3.65 -21.14 -27.30
CA TYR B 97 2.79 -20.78 -28.42
C TYR B 97 1.99 -21.92 -29.08
N TYR B 98 2.51 -23.15 -29.05
CA TYR B 98 1.81 -24.32 -29.62
C TYR B 98 0.94 -25.07 -28.60
N HIS B 99 0.50 -24.38 -27.56
CA HIS B 99 -0.36 -24.97 -26.52
C HIS B 99 -1.36 -23.98 -25.96
N TYR B 100 -2.59 -24.46 -25.79
CA TYR B 100 -3.69 -23.67 -25.26
C TYR B 100 -3.49 -23.42 -23.77
N LEU B 101 -2.78 -24.36 -23.14
CA LEU B 101 -2.44 -24.31 -21.74
C LEU B 101 -0.96 -24.06 -21.49
N GLY B 102 -0.63 -23.96 -20.21
CA GLY B 102 0.72 -23.74 -19.78
C GLY B 102 0.79 -23.02 -18.46
N ARG B 103 1.57 -23.60 -17.57
CA ARG B 103 1.83 -23.05 -16.24
C ARG B 103 3.31 -23.28 -16.07
N SER B 104 3.95 -22.43 -15.28
CA SER B 104 5.39 -22.59 -15.03
C SER B 104 5.95 -21.59 -14.04
N GLY B 105 6.93 -22.06 -13.26
CA GLY B 105 7.62 -21.24 -12.28
C GLY B 105 8.82 -20.56 -12.93
N TYR B 106 9.51 -19.69 -12.19
CA TYR B 106 10.67 -19.00 -12.74
C TYR B 106 11.73 -18.71 -11.71
N THR B 107 12.97 -18.71 -12.19
CA THR B 107 14.11 -18.37 -11.36
C THR B 107 14.51 -17.06 -12.04
N VAL B 108 14.24 -15.95 -11.36
CA VAL B 108 14.59 -14.64 -11.88
C VAL B 108 15.93 -14.35 -11.26
N HIS B 109 16.85 -13.87 -12.08
CA HIS B 109 18.18 -13.56 -11.60
C HIS B 109 18.55 -12.22 -12.21
N VAL B 110 18.66 -11.21 -11.36
CA VAL B 110 19.01 -9.86 -11.80
C VAL B 110 20.40 -9.50 -11.30
N GLN B 111 21.31 -9.28 -12.23
CA GLN B 111 22.70 -8.94 -11.94
C GLN B 111 22.96 -7.48 -12.22
N CYS B 112 23.53 -6.82 -11.22
CA CYS B 112 23.86 -5.40 -11.27
C CYS B 112 25.26 -5.17 -10.70
N ASN B 113 26.23 -5.05 -11.60
CA ASN B 113 27.63 -4.85 -11.22
C ASN B 113 28.13 -3.41 -11.35
N ALA B 114 29.07 -3.07 -10.47
CA ALA B 114 29.70 -1.76 -10.42
C ALA B 114 31.06 -1.91 -9.74
N SER B 115 31.41 -1.03 -8.80
CA SER B 115 32.69 -1.09 -8.09
C SER B 115 32.52 -0.76 -6.62
N LYS B 116 33.62 -0.35 -6.02
CA LYS B 116 33.62 0.06 -4.66
C LYS B 116 33.41 1.58 -4.69
N PHE B 117 33.27 2.12 -5.92
CA PHE B 117 33.09 3.57 -6.17
C PHE B 117 31.74 4.09 -6.67
N HIS B 118 30.78 3.21 -6.87
CA HIS B 118 29.43 3.64 -7.27
C HIS B 118 28.52 3.52 -6.06
N GLN B 119 27.30 4.03 -6.17
CA GLN B 119 26.36 3.93 -5.06
C GLN B 119 24.90 4.06 -5.50
N GLY B 120 24.04 3.38 -4.76
CA GLY B 120 22.60 3.39 -5.03
C GLY B 120 21.98 2.05 -4.65
N ALA B 121 20.67 1.95 -4.80
CA ALA B 121 19.95 0.73 -4.48
C ALA B 121 18.75 0.48 -5.38
N LEU B 122 18.76 -0.70 -5.99
CA LEU B 122 17.69 -1.13 -6.86
C LEU B 122 16.81 -2.12 -6.15
N GLY B 123 15.51 -1.93 -6.33
CA GLY B 123 14.51 -2.81 -5.73
C GLY B 123 13.93 -3.70 -6.82
N VAL B 124 14.10 -5.01 -6.66
CA VAL B 124 13.59 -5.93 -7.62
C VAL B 124 12.34 -6.52 -7.01
N PHE B 125 11.20 -6.06 -7.50
CA PHE B 125 9.91 -6.53 -7.02
C PHE B 125 9.29 -7.50 -7.99
N ALA B 126 8.73 -8.56 -7.43
CA ALA B 126 8.06 -9.58 -8.20
C ALA B 126 6.63 -9.48 -7.74
N VAL B 127 5.76 -8.95 -8.62
CA VAL B 127 4.34 -8.74 -8.31
C VAL B 127 3.40 -9.67 -9.09
N PRO B 128 2.59 -10.45 -8.35
CA PRO B 128 1.67 -11.30 -9.05
C PRO B 128 0.53 -10.42 -9.56
N GLU B 129 0.00 -10.79 -10.73
CA GLU B 129 -1.10 -10.08 -11.40
C GLU B 129 -0.78 -8.60 -11.35
N MET B 130 0.36 -8.22 -11.88
CA MET B 130 0.73 -6.83 -11.82
C MET B 130 0.07 -6.01 -12.92
N CYS B 131 -1.18 -5.62 -12.69
CA CYS B 131 -1.88 -4.78 -13.69
C CYS B 131 -1.25 -3.41 -13.57
N LEU B 132 -1.07 -2.79 -14.72
CA LEU B 132 -0.45 -1.48 -14.76
C LEU B 132 -1.37 -0.36 -15.17
N ALA B 133 -1.08 0.78 -14.57
CA ALA B 133 -1.75 2.10 -14.68
C ALA B 133 -2.89 2.27 -15.68
N GLY B 134 -4.08 2.38 -15.10
CA GLY B 134 -5.36 2.55 -15.80
C GLY B 134 -6.39 2.56 -14.67
N ASP B 135 -6.24 3.54 -13.80
CA ASP B 135 -7.09 3.73 -12.63
C ASP B 135 -8.52 3.26 -12.90
N SER B 136 -8.82 2.96 -14.16
CA SER B 136 -10.16 2.50 -14.56
C SER B 136 -10.45 1.15 -13.95
N ASN B 137 -10.80 1.12 -12.67
CA ASN B 137 -11.10 -0.15 -12.01
C ASN B 137 -12.40 -0.67 -12.62
N THR B 138 -13.21 0.25 -13.14
CA THR B 138 -14.46 -0.12 -13.79
C THR B 138 -14.06 -0.81 -15.06
N THR B 139 -12.77 -1.14 -15.15
CA THR B 139 -12.24 -1.83 -16.31
C THR B 139 -10.72 -1.85 -16.35
N THR B 140 -10.13 -2.97 -15.92
CA THR B 140 -8.65 -3.17 -15.97
C THR B 140 -8.29 -3.55 -17.41
N MET B 141 -7.20 -4.29 -17.64
CA MET B 141 -6.74 -4.69 -19.01
C MET B 141 -6.36 -3.49 -19.93
N HIS B 142 -7.36 -2.65 -20.24
CA HIS B 142 -7.26 -1.40 -21.04
C HIS B 142 -6.32 -1.23 -22.25
N THR B 143 -5.02 -1.12 -21.94
CA THR B 143 -3.91 -0.94 -22.87
C THR B 143 -3.81 -2.14 -23.85
N SER B 144 -4.01 -1.90 -25.16
CA SER B 144 -4.01 -2.99 -26.20
C SER B 144 -2.96 -4.09 -26.01
N TYR B 145 -3.37 -5.33 -26.29
CA TYR B 145 -2.53 -6.53 -26.15
C TYR B 145 -1.03 -6.34 -26.48
N GLN B 146 -0.76 -5.47 -27.43
CA GLN B 146 0.60 -5.17 -27.87
C GLN B 146 1.37 -4.23 -26.93
N ASN B 147 0.66 -3.25 -26.35
CA ASN B 147 1.25 -2.27 -25.42
C ASN B 147 1.61 -2.91 -24.08
N ALA B 148 0.61 -3.61 -23.52
CA ALA B 148 0.75 -4.33 -22.27
C ALA B 148 1.78 -5.46 -22.39
N ASN B 149 2.00 -5.97 -23.61
CA ASN B 149 2.97 -7.03 -23.85
C ASN B 149 4.15 -6.50 -24.67
N PRO B 150 5.19 -5.95 -24.00
CA PRO B 150 6.38 -5.43 -24.69
C PRO B 150 7.49 -6.49 -24.91
N GLY B 151 7.20 -7.72 -24.50
CA GLY B 151 8.10 -8.87 -24.64
C GLY B 151 9.41 -8.74 -23.91
N GLU B 152 10.49 -8.93 -24.67
CA GLU B 152 11.85 -8.89 -24.13
C GLU B 152 12.52 -7.53 -23.84
N LYS B 153 12.18 -6.49 -24.61
CA LYS B 153 12.78 -5.16 -24.39
C LYS B 153 12.32 -4.50 -23.08
N GLY B 154 11.14 -4.91 -22.61
CA GLY B 154 10.57 -4.37 -21.38
C GLY B 154 10.02 -2.96 -21.45
N GLY B 155 9.24 -2.62 -20.42
CA GLY B 155 8.61 -1.32 -20.28
C GLY B 155 9.24 -0.49 -19.18
N THR B 156 9.02 0.82 -19.25
CA THR B 156 9.61 1.78 -18.30
C THR B 156 8.63 2.61 -17.49
N PHE B 157 8.98 2.84 -16.23
CA PHE B 157 8.18 3.70 -15.37
C PHE B 157 8.43 5.17 -15.73
N THR B 158 7.60 6.06 -15.18
CA THR B 158 7.72 7.51 -15.41
C THR B 158 7.37 8.32 -14.16
N GLY B 159 8.00 9.49 -14.04
CA GLY B 159 7.77 10.39 -12.91
C GLY B 159 6.37 10.99 -12.86
N CYS B 175 0.34 3.91 -18.44
CA CYS B 175 1.71 4.44 -18.32
C CYS B 175 2.12 4.53 -16.82
N PRO B 176 2.85 3.49 -16.34
CA PRO B 176 3.29 3.36 -14.94
C PRO B 176 3.98 4.52 -14.23
N VAL B 177 3.38 4.99 -13.13
CA VAL B 177 3.95 6.06 -12.31
C VAL B 177 4.73 5.39 -11.19
N ASP B 178 6.03 5.66 -11.18
CA ASP B 178 7.00 5.10 -10.23
C ASP B 178 6.61 4.99 -8.75
N TYR B 179 6.29 6.12 -8.09
CA TYR B 179 5.96 6.10 -6.64
C TYR B 179 4.60 5.42 -6.35
N LEU B 180 3.80 5.25 -7.40
CA LEU B 180 2.51 4.57 -7.32
C LEU B 180 2.66 3.17 -7.93
N LEU B 181 3.92 2.75 -8.07
CA LEU B 181 4.33 1.47 -8.66
C LEU B 181 3.47 1.18 -9.90
N GLY B 182 2.96 2.28 -10.47
CA GLY B 182 2.13 2.30 -11.64
C GLY B 182 0.87 1.48 -11.52
N ASN B 183 0.24 1.49 -10.34
CA ASN B 183 -1.00 0.73 -10.13
C ASN B 183 -1.94 1.32 -9.07
N GLY B 184 -1.64 2.55 -8.65
CA GLY B 184 -2.45 3.28 -7.65
C GLY B 184 -2.15 3.04 -6.17
N THR B 185 -0.98 2.41 -5.92
CA THR B 185 -0.49 2.07 -4.57
C THR B 185 0.96 2.54 -4.31
N LEU B 186 1.12 3.40 -3.29
CA LEU B 186 2.40 4.00 -2.89
C LEU B 186 3.53 3.00 -2.77
N LEU B 187 4.57 3.27 -3.53
CA LEU B 187 5.76 2.44 -3.61
C LEU B 187 6.25 1.84 -2.30
N GLY B 188 6.35 2.68 -1.28
CA GLY B 188 6.82 2.27 0.04
C GLY B 188 6.29 0.96 0.57
N ASN B 189 5.13 0.55 0.06
CA ASN B 189 4.49 -0.67 0.49
C ASN B 189 4.74 -1.85 -0.45
N ALA B 190 5.41 -1.59 -1.56
CA ALA B 190 5.74 -2.63 -2.53
C ALA B 190 6.48 -3.80 -1.91
N PHE B 191 7.02 -3.57 -0.73
CA PHE B 191 7.78 -4.60 -0.02
C PHE B 191 6.92 -5.75 0.53
N VAL B 192 5.61 -5.68 0.26
CA VAL B 192 4.66 -6.73 0.66
C VAL B 192 4.78 -7.91 -0.30
N PHE B 193 5.14 -7.62 -1.55
CA PHE B 193 5.33 -8.64 -2.56
C PHE B 193 6.73 -9.16 -2.31
N PRO B 194 7.02 -10.41 -2.70
CA PRO B 194 8.38 -10.90 -2.50
C PRO B 194 9.35 -10.01 -3.29
N HIS B 195 10.55 -9.78 -2.75
CA HIS B 195 11.53 -8.92 -3.39
C HIS B 195 12.90 -8.98 -2.70
N GLN B 196 13.91 -8.44 -3.40
CA GLN B 196 15.27 -8.30 -2.89
C GLN B 196 15.71 -6.89 -3.27
N ILE B 197 16.73 -6.37 -2.60
CA ILE B 197 17.22 -5.04 -2.90
C ILE B 197 18.69 -5.15 -3.27
N ILE B 198 19.03 -4.81 -4.51
CA ILE B 198 20.42 -4.85 -4.93
C ILE B 198 20.97 -3.52 -4.43
N ASN B 199 21.83 -3.61 -3.43
CA ASN B 199 22.45 -2.46 -2.81
C ASN B 199 23.92 -2.54 -3.18
N LEU B 200 24.35 -1.61 -4.02
CA LEU B 200 25.74 -1.54 -4.54
C LEU B 200 26.90 -1.82 -3.61
N ARG B 201 26.76 -1.44 -2.34
CA ARG B 201 27.81 -1.69 -1.37
C ARG B 201 27.82 -3.14 -0.82
N THR B 202 26.68 -3.83 -0.96
CA THR B 202 26.54 -5.20 -0.47
C THR B 202 26.54 -6.27 -1.58
N ASN B 203 25.40 -6.45 -2.25
CA ASN B 203 25.26 -7.44 -3.34
C ASN B 203 25.14 -6.86 -4.71
N ASN B 204 25.64 -7.64 -5.67
CA ASN B 204 25.59 -7.30 -7.06
C ASN B 204 24.49 -8.10 -7.76
N CYS B 205 23.87 -9.05 -7.02
CA CYS B 205 22.79 -9.89 -7.57
C CYS B 205 21.57 -10.08 -6.66
N ALA B 206 20.43 -10.31 -7.31
CA ALA B 206 19.16 -10.57 -6.67
C ALA B 206 18.66 -11.85 -7.27
N THR B 207 18.13 -12.74 -6.44
CA THR B 207 17.64 -14.02 -6.95
C THR B 207 16.24 -14.30 -6.43
N LEU B 208 15.30 -14.47 -7.35
CA LEU B 208 13.90 -14.71 -7.00
C LEU B 208 13.29 -15.94 -7.67
N VAL B 209 13.07 -16.97 -6.85
CA VAL B 209 12.45 -18.23 -7.27
C VAL B 209 10.97 -17.92 -7.12
N LEU B 210 10.26 -17.84 -8.25
CA LEU B 210 8.85 -17.52 -8.19
C LEU B 210 8.02 -18.67 -8.69
N PRO B 211 7.15 -19.23 -7.82
CA PRO B 211 6.30 -20.31 -8.30
C PRO B 211 5.13 -19.73 -9.11
N TYR B 212 4.42 -20.61 -9.81
CA TYR B 212 3.28 -20.24 -10.63
C TYR B 212 2.13 -19.73 -9.78
N VAL B 213 1.75 -18.48 -9.98
CA VAL B 213 0.65 -17.90 -9.20
C VAL B 213 -0.52 -17.47 -10.07
N ASN B 214 -1.62 -18.18 -9.91
CA ASN B 214 -2.85 -17.89 -10.63
C ASN B 214 -4.09 -18.52 -9.97
N SER B 215 -5.24 -17.98 -10.38
CA SER B 215 -6.56 -18.37 -9.94
C SER B 215 -6.95 -19.76 -10.43
N LEU B 216 -6.16 -20.33 -11.33
CA LEU B 216 -6.43 -21.64 -11.90
C LEU B 216 -5.24 -22.59 -11.87
N SER B 217 -5.55 -23.89 -11.97
CA SER B 217 -4.57 -24.97 -11.97
C SER B 217 -3.56 -24.74 -13.07
N ILE B 218 -4.10 -24.45 -14.25
CA ILE B 218 -3.32 -24.19 -15.45
C ILE B 218 -4.20 -23.31 -16.33
N ASP B 219 -3.58 -22.36 -17.04
CA ASP B 219 -4.31 -21.41 -17.89
C ASP B 219 -3.53 -21.07 -19.17
N SER B 220 -4.11 -20.20 -19.98
CA SER B 220 -3.52 -19.76 -21.23
C SER B 220 -2.37 -18.81 -20.98
N MET B 221 -1.18 -19.21 -21.44
CA MET B 221 0.01 -18.39 -21.29
C MET B 221 0.03 -17.15 -22.17
N VAL B 222 -0.53 -17.26 -23.37
CA VAL B 222 -0.56 -16.15 -24.33
C VAL B 222 -1.43 -14.95 -23.87
N LYS B 223 -2.57 -15.25 -23.23
CA LYS B 223 -3.53 -14.24 -22.74
C LYS B 223 -3.29 -13.59 -21.39
N HIS B 224 -2.91 -14.40 -20.42
CA HIS B 224 -2.70 -13.97 -19.04
C HIS B 224 -1.26 -13.95 -18.53
N ASN B 225 -0.90 -12.86 -17.87
CA ASN B 225 0.43 -12.71 -17.32
C ASN B 225 0.47 -12.99 -15.84
N ASN B 226 1.22 -14.03 -15.52
CA ASN B 226 1.39 -14.54 -14.18
C ASN B 226 2.04 -13.56 -13.19
N TRP B 227 3.26 -13.14 -13.51
CA TRP B 227 4.01 -12.23 -12.65
C TRP B 227 4.38 -10.89 -13.26
N GLY B 228 4.96 -10.04 -12.43
CA GLY B 228 5.38 -8.73 -12.85
C GLY B 228 6.71 -8.38 -12.20
N ILE B 229 7.77 -8.44 -13.00
CA ILE B 229 9.13 -8.11 -12.55
C ILE B 229 9.26 -6.60 -12.62
N ALA B 230 9.49 -6.00 -11.47
CA ALA B 230 9.64 -4.55 -11.37
C ALA B 230 10.98 -4.18 -10.78
N ILE B 231 11.67 -3.23 -11.41
CA ILE B 231 12.97 -2.75 -10.94
C ILE B 231 12.96 -1.24 -10.97
N LEU B 232 12.98 -0.62 -9.79
CA LEU B 232 12.98 0.83 -9.63
C LEU B 232 14.12 1.37 -8.75
N PRO B 233 14.61 2.60 -9.06
CA PRO B 233 15.70 3.21 -8.27
C PRO B 233 15.22 3.58 -6.89
N LEU B 234 15.53 2.75 -5.90
CA LEU B 234 15.11 3.04 -4.55
C LEU B 234 16.03 4.10 -3.94
N ALA B 235 17.25 4.17 -4.47
CA ALA B 235 18.28 5.14 -4.10
C ALA B 235 18.83 5.61 -5.46
N PRO B 236 19.27 6.88 -5.59
CA PRO B 236 19.74 7.28 -6.93
C PRO B 236 21.17 6.81 -7.21
N LEU B 237 21.54 6.70 -8.48
CA LEU B 237 22.91 6.26 -8.84
C LEU B 237 23.86 7.42 -8.76
N ASN B 238 25.00 7.18 -8.15
CA ASN B 238 26.03 8.19 -8.01
C ASN B 238 27.42 7.63 -8.18
N PHE B 239 28.13 8.23 -9.13
CA PHE B 239 29.49 7.83 -9.42
C PHE B 239 30.42 9.00 -9.10
N ALA B 240 31.61 8.65 -8.64
CA ALA B 240 32.64 9.59 -8.27
C ALA B 240 33.28 10.28 -9.46
N SER B 241 33.71 11.53 -9.27
CA SER B 241 34.37 12.40 -10.28
C SER B 241 33.95 12.18 -11.73
N GLU B 242 34.57 11.19 -12.36
CA GLU B 242 34.29 10.78 -13.71
C GLU B 242 34.69 9.33 -13.83
N SER B 243 33.73 8.50 -14.23
CA SER B 243 33.91 7.06 -14.41
C SER B 243 32.97 6.67 -15.54
N SER B 244 32.18 5.62 -15.34
CA SER B 244 31.20 5.17 -16.34
C SER B 244 30.03 6.14 -16.13
N PRO B 245 29.56 6.77 -17.23
CA PRO B 245 28.45 7.74 -17.15
C PRO B 245 27.15 7.06 -16.71
N GLU B 246 27.13 5.74 -16.86
CA GLU B 246 25.99 4.90 -16.52
C GLU B 246 26.44 3.46 -16.33
N ILE B 247 25.64 2.67 -15.62
CA ILE B 247 25.99 1.26 -15.39
C ILE B 247 24.90 0.35 -15.93
N PRO B 248 25.27 -0.92 -16.27
CA PRO B 248 24.26 -1.81 -16.78
C PRO B 248 23.72 -2.84 -15.80
N ILE B 249 22.47 -3.21 -16.03
CA ILE B 249 21.77 -4.23 -15.25
C ILE B 249 21.29 -5.31 -16.20
N THR B 250 21.25 -6.56 -15.72
CA THR B 250 20.85 -7.67 -16.57
C THR B 250 19.87 -8.62 -15.87
N LEU B 251 18.89 -9.11 -16.63
CA LEU B 251 17.91 -10.05 -16.14
C LEU B 251 17.98 -11.32 -16.93
N THR B 252 18.13 -12.41 -16.20
CA THR B 252 18.19 -13.72 -16.79
C THR B 252 17.01 -14.40 -16.14
N ILE B 253 16.20 -15.10 -16.92
CA ILE B 253 15.04 -15.74 -16.37
C ILE B 253 15.03 -17.20 -16.77
N ALA B 254 14.76 -18.09 -15.81
CA ALA B 254 14.73 -19.51 -16.07
C ALA B 254 13.39 -20.14 -15.77
N PRO B 255 12.77 -20.81 -16.75
CA PRO B 255 11.52 -21.49 -16.50
C PRO B 255 11.77 -22.70 -15.59
N MET B 256 10.85 -22.96 -14.66
CA MET B 256 10.96 -24.10 -13.75
C MET B 256 9.62 -24.85 -13.67
N CYS B 257 9.67 -26.17 -13.90
CA CYS B 257 8.48 -27.04 -13.89
C CYS B 257 7.41 -26.49 -14.83
N CYS B 258 7.72 -26.58 -16.11
CA CYS B 258 6.83 -26.09 -17.16
C CYS B 258 6.09 -27.21 -17.90
N GLU B 259 4.75 -27.19 -17.82
CA GLU B 259 3.93 -28.17 -18.57
C GLU B 259 2.88 -27.43 -19.38
N PHE B 260 2.57 -28.01 -20.54
CA PHE B 260 1.63 -27.42 -21.49
C PHE B 260 0.69 -28.51 -22.06
N ASN B 261 -0.61 -28.20 -22.14
CA ASN B 261 -1.61 -29.14 -22.68
C ASN B 261 -2.42 -28.48 -23.83
N GLY B 262 -2.62 -29.17 -24.95
CA GLY B 262 -2.13 -30.52 -25.21
C GLY B 262 -1.54 -30.48 -26.61
N LEU B 263 -0.53 -31.30 -26.85
CA LEU B 263 0.12 -31.33 -28.15
C LEU B 263 -0.89 -30.86 -29.19
N ARG B 264 -0.95 -29.56 -29.44
CA ARG B 264 -1.90 -29.08 -30.43
C ARG B 264 -1.14 -28.80 -31.69
N ASN B 265 -1.90 -28.28 -32.67
CA ASN B 265 -1.38 -27.90 -33.96
C ASN B 265 0.13 -27.77 -33.95
N ILE B 266 0.71 -27.95 -35.13
CA ILE B 266 2.14 -27.84 -35.31
C ILE B 266 2.35 -26.92 -36.50
N THR B 267 1.30 -26.18 -36.86
CA THR B 267 1.34 -25.25 -37.98
C THR B 267 2.77 -25.01 -38.41
N LEU B 268 2.93 -24.38 -39.56
CA LEU B 268 4.26 -24.13 -40.07
C LEU B 268 4.22 -23.74 -41.54
N GLY C 1 -47.94 -28.26 19.23
CA GLY C 1 -46.49 -28.62 19.26
C GLY C 1 -45.87 -28.45 20.63
N LEU C 2 -44.53 -28.42 20.66
CA LEU C 2 -43.74 -28.23 21.88
C LEU C 2 -44.00 -26.82 22.39
N PRO C 3 -44.35 -26.68 23.68
CA PRO C 3 -44.61 -25.35 24.25
C PRO C 3 -43.39 -24.48 24.07
N VAL C 4 -43.55 -23.36 23.37
CA VAL C 4 -42.46 -22.42 23.12
C VAL C 4 -42.82 -21.00 23.58
N MET C 5 -41.79 -20.17 23.76
CA MET C 5 -41.97 -18.79 24.24
C MET C 5 -40.97 -17.79 23.67
N ASN C 6 -41.47 -16.94 22.78
CA ASN C 6 -40.66 -15.91 22.12
C ASN C 6 -40.18 -14.91 23.14
N THR C 7 -38.86 -14.72 23.22
CA THR C 7 -38.28 -13.79 24.17
C THR C 7 -37.79 -12.51 23.50
N PRO C 8 -37.24 -11.57 24.28
CA PRO C 8 -36.72 -10.36 23.68
C PRO C 8 -35.61 -10.68 22.71
N GLY C 9 -35.57 -9.96 21.59
CA GLY C 9 -34.55 -10.16 20.55
C GLY C 9 -35.13 -10.71 19.27
N SER C 10 -36.23 -11.44 19.39
CA SER C 10 -36.90 -12.02 18.25
C SER C 10 -37.22 -11.01 17.17
N ASN C 11 -37.09 -11.46 15.94
CA ASN C 11 -37.33 -10.67 14.77
C ASN C 11 -36.31 -9.57 14.50
N GLN C 12 -35.28 -9.45 15.34
CA GLN C 12 -34.28 -8.42 15.08
C GLN C 12 -33.08 -8.97 14.32
N TYR C 13 -32.54 -8.15 13.43
CA TYR C 13 -31.39 -8.51 12.65
C TYR C 13 -30.15 -7.86 13.23
N LEU C 14 -29.31 -8.67 13.87
CA LEU C 14 -28.07 -8.20 14.44
C LEU C 14 -26.97 -8.38 13.43
N THR C 15 -26.52 -7.27 12.85
CA THR C 15 -25.47 -7.29 11.85
C THR C 15 -24.29 -8.20 12.19
N ALA C 16 -23.97 -8.27 13.48
CA ALA C 16 -22.86 -9.07 13.95
C ALA C 16 -23.23 -10.48 14.46
N ASP C 17 -24.37 -11.02 14.03
CA ASP C 17 -24.81 -12.36 14.47
C ASP C 17 -23.94 -13.48 13.91
N ASN C 18 -24.30 -14.69 14.30
CA ASN C 18 -23.63 -15.85 13.79
C ASN C 18 -24.68 -16.96 13.75
N PHE C 19 -25.65 -16.79 12.86
CA PHE C 19 -26.71 -17.79 12.70
C PHE C 19 -26.66 -18.46 11.34
N GLN C 20 -27.20 -19.66 11.29
CA GLN C 20 -27.25 -20.44 10.07
C GLN C 20 -28.44 -19.95 9.25
N SER C 21 -28.37 -20.14 7.94
CA SER C 21 -29.44 -19.70 7.01
C SER C 21 -29.64 -20.64 5.84
N PRO C 22 -30.86 -20.69 5.26
CA PRO C 22 -31.11 -21.61 4.14
C PRO C 22 -30.29 -21.38 2.85
N CYS C 23 -29.57 -22.43 2.41
CA CYS C 23 -28.68 -22.43 1.23
C CYS C 23 -29.45 -22.29 -0.10
N ALA C 24 -29.35 -21.11 -0.70
CA ALA C 24 -30.01 -20.77 -1.97
C ALA C 24 -29.77 -21.69 -3.18
N LEU C 25 -28.69 -22.46 -3.15
CA LEU C 25 -28.40 -23.39 -4.25
C LEU C 25 -27.99 -24.75 -3.67
N PRO C 26 -28.96 -25.65 -3.48
CA PRO C 26 -28.65 -26.96 -2.93
C PRO C 26 -27.86 -27.85 -3.89
N GLU C 27 -26.87 -28.50 -3.30
CA GLU C 27 -25.93 -29.45 -3.94
C GLU C 27 -24.99 -28.94 -5.05
N PHE C 28 -24.77 -27.62 -5.07
CA PHE C 28 -23.87 -27.03 -6.04
C PHE C 28 -22.47 -27.60 -5.93
N ASP C 29 -21.92 -27.98 -7.06
CA ASP C 29 -20.58 -28.55 -7.08
C ASP C 29 -19.61 -27.37 -7.00
N VAL C 30 -19.18 -27.08 -5.77
CA VAL C 30 -18.26 -26.00 -5.52
C VAL C 30 -16.89 -26.39 -6.07
N THR C 31 -16.18 -25.44 -6.70
CA THR C 31 -14.84 -25.71 -7.22
C THR C 31 -13.88 -25.71 -6.04
N PRO C 32 -13.15 -26.82 -5.83
CA PRO C 32 -12.25 -26.91 -4.69
C PRO C 32 -11.05 -25.95 -4.73
N PRO C 33 -10.48 -25.61 -3.55
CA PRO C 33 -9.31 -24.74 -3.54
C PRO C 33 -8.02 -25.43 -4.00
N ILE C 34 -7.02 -24.62 -4.33
CA ILE C 34 -5.70 -25.09 -4.75
C ILE C 34 -4.73 -24.29 -3.87
N ASP C 35 -3.63 -24.93 -3.44
CA ASP C 35 -2.73 -24.18 -2.56
C ASP C 35 -1.90 -23.15 -3.35
N ILE C 36 -2.45 -21.95 -3.44
CA ILE C 36 -1.85 -20.81 -4.09
C ILE C 36 -0.99 -20.26 -2.95
N PRO C 37 0.29 -19.93 -3.22
CA PRO C 37 1.17 -19.41 -2.17
C PRO C 37 0.78 -18.03 -1.64
N GLY C 38 0.92 -17.85 -0.32
CA GLY C 38 0.62 -16.60 0.34
C GLY C 38 -0.72 -16.48 1.04
N GLU C 39 -1.16 -17.55 1.69
CA GLU C 39 -2.41 -17.46 2.42
C GLU C 39 -2.18 -16.52 3.60
N VAL C 40 -3.25 -15.88 4.07
CA VAL C 40 -3.16 -14.99 5.21
C VAL C 40 -4.12 -15.56 6.26
N LYS C 41 -3.64 -15.73 7.48
CA LYS C 41 -4.46 -16.25 8.57
C LYS C 41 -5.06 -15.15 9.45
N ASN C 42 -4.24 -14.13 9.72
CA ASN C 42 -4.62 -13.02 10.56
C ASN C 42 -4.03 -11.74 10.00
N MET C 43 -4.61 -10.60 10.37
CA MET C 43 -4.15 -9.28 9.92
C MET C 43 -2.80 -8.83 10.51
N MET C 44 -2.54 -9.19 11.78
CA MET C 44 -1.28 -8.87 12.48
C MET C 44 -0.04 -9.46 11.85
N GLU C 45 -0.25 -10.36 10.90
CA GLU C 45 0.82 -11.02 10.17
C GLU C 45 1.43 -10.08 9.16
N LEU C 46 0.57 -9.22 8.59
CA LEU C 46 0.97 -8.22 7.59
C LEU C 46 1.85 -7.11 8.15
N ALA C 47 1.71 -6.87 9.45
CA ALA C 47 2.49 -5.84 10.13
C ALA C 47 3.92 -6.29 10.41
N GLU C 48 4.10 -7.61 10.62
CA GLU C 48 5.42 -8.20 10.89
C GLU C 48 6.32 -8.13 9.65
N ILE C 49 5.75 -7.69 8.55
CA ILE C 49 6.46 -7.54 7.28
C ILE C 49 7.11 -6.17 7.31
N ASP C 50 8.41 -6.13 7.04
CA ASP C 50 9.19 -4.87 7.04
C ASP C 50 8.69 -3.96 5.94
N THR C 51 8.44 -2.70 6.30
CA THR C 51 7.96 -1.72 5.32
C THR C 51 8.67 -0.38 5.45
N MET C 52 8.97 0.20 4.29
CA MET C 52 9.67 1.47 4.13
C MET C 52 8.95 2.72 4.62
N ILE C 53 9.60 3.44 5.52
CA ILE C 53 9.08 4.64 6.16
C ILE C 53 9.38 5.92 5.35
N PRO C 54 8.36 6.77 5.12
CA PRO C 54 8.60 8.00 4.40
C PRO C 54 8.94 9.08 5.40
N PHE C 55 10.19 9.06 5.83
CA PHE C 55 10.72 9.99 6.81
C PHE C 55 10.62 11.46 6.51
N ASP C 56 10.85 11.83 5.26
CA ASP C 56 10.85 13.22 4.86
C ASP C 56 9.64 13.66 4.03
N LEU C 57 8.56 13.95 4.75
CA LEU C 57 7.32 14.39 4.15
C LEU C 57 7.24 15.91 4.04
N SER C 58 8.37 16.54 3.70
CA SER C 58 8.43 17.99 3.54
C SER C 58 7.50 18.37 2.41
N ALA C 59 7.09 19.63 2.38
CA ALA C 59 6.18 20.17 1.37
C ALA C 59 6.39 19.69 -0.08
N THR C 60 7.64 19.70 -0.51
CA THR C 60 7.97 19.28 -1.86
C THR C 60 8.23 17.77 -1.94
N LYS C 61 8.71 17.19 -0.82
CA LYS C 61 9.06 15.76 -0.73
C LYS C 61 7.97 14.74 -0.36
N LYS C 62 6.90 15.20 0.29
CA LYS C 62 5.80 14.31 0.61
C LYS C 62 5.04 14.00 -0.69
N ASN C 63 4.48 12.78 -0.76
CA ASN C 63 3.72 12.27 -1.93
C ASN C 63 4.51 11.99 -3.24
N THR C 64 5.83 11.86 -3.12
CA THR C 64 6.79 11.54 -4.24
C THR C 64 7.95 10.61 -3.78
N MET C 65 8.79 10.18 -4.73
CA MET C 65 9.93 9.27 -4.46
C MET C 65 10.83 9.57 -3.29
N GLU C 66 11.22 10.83 -3.19
CA GLU C 66 12.13 11.26 -2.17
C GLU C 66 11.61 11.31 -0.74
N MET C 67 10.33 11.00 -0.55
CA MET C 67 9.74 10.96 0.79
C MET C 67 10.34 9.80 1.56
N TYR C 68 10.92 8.85 0.80
CA TYR C 68 11.57 7.69 1.39
C TYR C 68 13.11 7.89 1.52
N ARG C 69 13.61 9.04 1.11
CA ARG C 69 15.05 9.34 1.14
C ARG C 69 15.53 10.28 2.24
N VAL C 70 16.42 9.76 3.09
CA VAL C 70 17.00 10.51 4.21
C VAL C 70 18.41 10.87 3.80
N ARG C 71 18.58 12.10 3.30
CA ARG C 71 19.88 12.56 2.82
C ARG C 71 20.90 13.09 3.83
N LEU C 72 21.98 12.34 4.00
CA LEU C 72 23.07 12.75 4.86
C LEU C 72 23.65 13.86 4.03
N SER C 73 23.36 15.08 4.46
CA SER C 73 23.81 16.30 3.79
C SER C 73 25.28 16.64 4.07
N ASP C 74 25.54 17.82 4.65
CA ASP C 74 26.89 18.27 4.99
C ASP C 74 26.77 19.57 5.81
N LYS C 75 26.26 19.41 7.03
CA LYS C 75 26.03 20.55 7.95
C LYS C 75 26.86 20.48 9.26
N PRO C 76 26.77 21.52 10.14
CA PRO C 76 27.52 21.54 11.41
C PRO C 76 27.38 20.33 12.35
N HIS C 77 28.42 20.13 13.16
CA HIS C 77 28.49 19.06 14.16
C HIS C 77 27.49 19.37 15.30
N THR C 78 26.58 20.29 15.00
CA THR C 78 25.52 20.71 15.89
C THR C 78 24.64 19.47 16.01
N ASP C 79 24.63 18.93 17.23
CA ASP C 79 23.86 17.72 17.58
C ASP C 79 22.43 17.66 16.99
N ASP C 80 21.90 18.78 16.49
CA ASP C 80 20.57 18.82 15.87
C ASP C 80 20.38 17.51 15.11
N PRO C 81 19.48 16.65 15.61
CA PRO C 81 19.19 15.34 15.07
C PRO C 81 19.19 15.19 13.56
N ILE C 82 19.61 14.01 13.11
CA ILE C 82 19.60 13.73 11.69
C ILE C 82 18.47 12.72 11.49
N LEU C 83 17.28 13.20 11.89
CA LEU C 83 15.95 12.56 11.88
C LEU C 83 15.46 12.23 13.26
N CYS C 84 14.24 12.66 13.54
CA CYS C 84 13.55 12.36 14.78
C CYS C 84 12.18 11.90 14.37
N LEU C 85 11.69 10.92 15.11
CA LEU C 85 10.41 10.35 14.86
C LEU C 85 9.71 9.96 16.15
N SER C 86 8.47 10.41 16.28
CA SER C 86 7.66 10.12 17.45
C SER C 86 7.01 8.75 17.27
N LEU C 87 7.25 7.86 18.21
CA LEU C 87 6.66 6.55 18.12
C LEU C 87 5.25 6.68 18.66
N SER C 88 4.42 7.33 17.88
CA SER C 88 3.00 7.50 18.14
C SER C 88 2.53 7.00 16.80
N PRO C 89 2.71 5.67 16.52
CA PRO C 89 2.40 5.04 15.24
C PRO C 89 1.19 5.57 14.47
N ALA C 90 0.18 6.04 15.21
CA ALA C 90 -1.03 6.59 14.64
C ALA C 90 -1.06 8.11 14.71
N SER C 91 -0.78 8.68 15.89
CA SER C 91 -0.80 10.14 16.12
C SER C 91 0.41 10.95 15.65
N ASP C 92 1.04 10.46 14.56
CA ASP C 92 2.21 11.05 13.92
C ASP C 92 2.10 10.71 12.40
N PRO C 93 1.97 11.74 11.54
CA PRO C 93 1.80 11.62 10.07
C PRO C 93 2.69 10.66 9.28
N ARG C 94 3.88 10.39 9.76
CA ARG C 94 4.81 9.52 9.05
C ARG C 94 4.58 8.03 9.25
N LEU C 95 4.59 7.58 10.50
CA LEU C 95 4.38 6.18 10.81
C LEU C 95 3.03 5.61 10.36
N SER C 96 2.00 6.46 10.32
CA SER C 96 0.65 6.07 9.92
C SER C 96 0.48 5.47 8.51
N HIS C 97 1.41 5.78 7.60
CA HIS C 97 1.35 5.29 6.22
C HIS C 97 2.12 4.01 5.84
N THR C 98 2.61 3.31 6.84
CA THR C 98 3.31 2.06 6.64
C THR C 98 2.27 0.99 6.81
N MET C 99 2.51 -0.19 6.22
CA MET C 99 1.59 -1.33 6.37
C MET C 99 1.24 -1.45 7.87
N LEU C 100 2.27 -1.41 8.72
CA LEU C 100 2.13 -1.47 10.16
C LEU C 100 1.05 -0.50 10.63
N GLY C 101 1.25 0.79 10.35
CA GLY C 101 0.28 1.82 10.71
C GLY C 101 -1.10 1.63 10.11
N GLU C 102 -1.14 1.12 8.88
CA GLU C 102 -2.40 0.87 8.15
C GLU C 102 -3.33 -0.12 8.80
N ILE C 103 -2.73 -1.11 9.42
CA ILE C 103 -3.48 -2.09 10.16
C ILE C 103 -3.84 -1.34 11.44
N LEU C 104 -2.90 -0.55 11.97
CA LEU C 104 -3.16 0.23 13.18
C LEU C 104 -4.17 1.37 13.03
N ASN C 105 -4.94 1.31 11.93
CA ASN C 105 -6.02 2.25 11.62
C ASN C 105 -7.38 1.56 11.56
N TYR C 106 -7.45 0.39 12.17
CA TYR C 106 -8.67 -0.38 12.21
C TYR C 106 -8.97 -0.95 13.58
N TYR C 107 -8.22 -0.48 14.58
CA TYR C 107 -8.37 -0.93 15.97
C TYR C 107 -8.20 0.23 16.97
N THR C 108 -8.55 0.00 18.23
CA THR C 108 -8.45 1.03 19.23
C THR C 108 -7.22 0.84 20.12
N HIS C 109 -6.62 -0.35 20.08
CA HIS C 109 -5.46 -0.64 20.93
C HIS C 109 -4.35 -1.45 20.26
N TRP C 110 -3.14 -1.34 20.79
CA TRP C 110 -2.02 -2.12 20.32
C TRP C 110 -1.06 -2.33 21.48
N ALA C 111 -0.33 -3.44 21.45
CA ALA C 111 0.66 -3.76 22.48
C ALA C 111 1.81 -4.51 21.83
N GLY C 112 3.00 -4.42 22.42
CA GLY C 112 4.14 -5.11 21.86
C GLY C 112 5.24 -4.22 21.32
N SER C 113 6.34 -4.87 20.98
CA SER C 113 7.53 -4.20 20.48
C SER C 113 7.54 -4.05 18.97
N LEU C 114 8.22 -3.01 18.50
CA LEU C 114 8.41 -2.70 17.09
C LEU C 114 9.91 -2.67 16.82
N LYS C 115 10.30 -2.83 15.55
CA LYS C 115 11.71 -2.80 15.20
C LYS C 115 12.04 -1.96 13.95
N PHE C 116 12.89 -0.96 14.17
CA PHE C 116 13.34 -0.03 13.13
C PHE C 116 14.64 -0.49 12.54
N THR C 117 14.56 -0.78 11.25
CA THR C 117 15.69 -1.24 10.48
C THR C 117 16.04 -0.11 9.49
N PHE C 118 17.33 0.14 9.32
CA PHE C 118 17.82 1.16 8.41
C PHE C 118 18.85 0.55 7.48
N LEU C 119 18.71 0.79 6.18
CA LEU C 119 19.64 0.29 5.20
C LEU C 119 20.40 1.48 4.69
N PHE C 120 21.74 1.43 4.82
CA PHE C 120 22.59 2.51 4.35
C PHE C 120 22.76 2.31 2.86
N CYS C 121 22.59 3.39 2.12
CA CYS C 121 22.67 3.32 0.67
C CYS C 121 23.77 4.23 0.16
N GLY C 122 24.87 4.26 0.90
CA GLY C 122 26.02 5.08 0.55
C GLY C 122 27.26 4.35 0.11
N SER C 123 27.94 4.99 -0.86
CA SER C 123 29.17 4.52 -1.50
C SER C 123 30.19 3.78 -0.64
N MET C 124 30.16 2.45 -0.79
CA MET C 124 31.00 1.49 -0.09
C MET C 124 32.21 2.13 0.59
N MET C 125 33.09 2.69 -0.23
CA MET C 125 34.31 3.32 0.24
C MET C 125 34.25 4.38 1.36
N ALA C 126 33.04 4.79 1.76
CA ALA C 126 32.88 5.78 2.81
C ALA C 126 32.67 5.12 4.17
N THR C 127 33.01 5.86 5.24
CA THR C 127 32.82 5.42 6.65
C THR C 127 32.32 6.58 7.55
N GLY C 128 32.29 6.32 8.86
CA GLY C 128 31.84 7.28 9.86
C GLY C 128 31.04 6.50 10.87
N LYS C 129 30.45 7.18 11.85
CA LYS C 129 29.65 6.50 12.85
C LYS C 129 28.35 7.26 13.14
N LEU C 130 27.28 6.50 13.32
CA LEU C 130 25.97 7.04 13.63
C LEU C 130 25.41 6.36 14.87
N LEU C 131 24.45 7.02 15.52
CA LEU C 131 23.83 6.48 16.71
C LEU C 131 22.32 6.63 16.61
N VAL C 132 21.62 5.50 16.62
CA VAL C 132 20.16 5.51 16.56
C VAL C 132 19.76 5.43 18.01
N SER C 133 18.83 6.28 18.44
CA SER C 133 18.38 6.28 19.84
C SER C 133 16.86 6.25 20.06
N TYR C 134 16.48 5.71 21.22
CA TYR C 134 15.11 5.57 21.70
C TYR C 134 15.00 6.38 22.99
N ALA C 135 13.79 6.80 23.32
CA ALA C 135 13.53 7.56 24.55
C ALA C 135 12.11 7.27 24.92
N PRO C 136 11.92 6.51 26.01
CA PRO C 136 10.62 6.12 26.49
C PRO C 136 9.59 7.22 26.63
N PRO C 137 8.31 6.84 26.59
CA PRO C 137 7.17 7.67 26.73
C PRO C 137 7.29 8.82 27.73
N GLY C 138 6.94 10.03 27.29
CA GLY C 138 6.92 11.23 28.14
C GLY C 138 8.03 12.24 28.03
N ALA C 139 9.27 11.74 28.01
CA ALA C 139 10.48 12.57 27.94
C ALA C 139 10.51 13.52 26.75
N ASP C 140 11.17 14.67 26.96
CA ASP C 140 11.32 15.72 25.95
C ASP C 140 12.12 15.12 24.80
N PRO C 141 11.87 15.56 23.55
CA PRO C 141 12.68 15.02 22.45
C PRO C 141 14.18 15.33 22.68
N PRO C 142 15.03 14.29 22.83
CA PRO C 142 16.46 14.51 23.10
C PRO C 142 17.07 15.24 21.93
N LYS C 143 17.41 16.51 22.16
CA LYS C 143 17.99 17.36 21.11
C LYS C 143 19.50 17.36 20.88
N LYS C 144 20.23 16.85 21.87
CA LYS C 144 21.69 16.76 21.76
C LYS C 144 22.09 15.32 21.87
N ARG C 145 23.12 14.93 21.10
CA ARG C 145 23.62 13.56 21.09
C ARG C 145 23.75 13.07 22.54
N LYS C 146 24.45 13.87 23.33
CA LYS C 146 24.67 13.60 24.74
C LYS C 146 23.38 13.10 25.43
N GLU C 147 22.25 13.71 25.08
CA GLU C 147 20.98 13.27 25.65
C GLU C 147 20.58 11.93 25.08
N ALA C 148 20.42 11.87 23.76
CA ALA C 148 20.04 10.64 23.06
C ALA C 148 20.90 9.43 23.46
N MET C 149 22.16 9.71 23.78
CA MET C 149 23.14 8.73 24.21
C MET C 149 22.71 8.04 25.52
N LEU C 150 21.99 8.77 26.36
CA LEU C 150 21.50 8.23 27.64
C LEU C 150 20.42 7.13 27.52
N GLY C 151 19.49 7.29 26.58
CA GLY C 151 18.43 6.30 26.36
C GLY C 151 18.94 5.08 25.61
N THR C 152 18.05 4.09 25.48
CA THR C 152 18.38 2.84 24.76
C THR C 152 18.86 3.28 23.37
N HIS C 153 20.03 2.80 22.97
CA HIS C 153 20.59 3.19 21.66
C HIS C 153 21.66 2.21 21.19
N VAL C 154 21.91 2.20 19.88
CA VAL C 154 22.91 1.33 19.24
C VAL C 154 23.80 2.22 18.40
N ILE C 155 25.10 1.97 18.43
CA ILE C 155 26.07 2.71 17.62
C ILE C 155 26.15 1.95 16.30
N TRP C 156 25.63 2.55 15.23
CA TRP C 156 25.61 1.93 13.91
C TRP C 156 26.73 2.39 13.02
N ASP C 157 27.70 1.50 12.87
CA ASP C 157 28.84 1.79 12.02
C ASP C 157 28.47 1.54 10.57
N ILE C 158 28.64 2.61 9.80
CA ILE C 158 28.39 2.63 8.38
C ILE C 158 29.33 1.66 7.71
N GLY C 159 30.63 1.88 7.91
CA GLY C 159 31.68 1.06 7.33
C GLY C 159 31.47 -0.45 7.40
N LEU C 160 31.21 -0.95 8.60
CA LEU C 160 30.99 -2.38 8.85
C LEU C 160 29.73 -2.92 8.18
N GLN C 161 28.59 -2.72 8.84
CA GLN C 161 27.31 -3.22 8.33
C GLN C 161 26.30 -2.18 7.89
N SER C 162 25.94 -2.29 6.61
CA SER C 162 25.01 -1.42 5.92
C SER C 162 23.65 -1.29 6.58
N SER C 163 23.18 -2.36 7.18
CA SER C 163 21.89 -2.35 7.84
C SER C 163 21.99 -2.34 9.36
N CYS C 164 20.96 -1.82 10.03
CA CYS C 164 20.92 -1.76 11.48
C CYS C 164 19.52 -1.87 12.01
N THR C 165 19.30 -2.85 12.89
CA THR C 165 17.99 -3.07 13.49
C THR C 165 18.02 -2.62 14.94
N MET C 166 17.08 -1.76 15.30
CA MET C 166 16.96 -1.30 16.67
C MET C 166 15.53 -1.53 17.12
N VAL C 167 15.33 -2.56 17.93
CA VAL C 167 14.02 -2.93 18.44
C VAL C 167 13.61 -1.92 19.51
N VAL C 168 12.35 -1.50 19.44
CA VAL C 168 11.75 -0.58 20.39
C VAL C 168 11.03 -1.45 21.38
N PRO C 169 11.57 -1.58 22.61
CA PRO C 169 10.86 -2.43 23.56
C PRO C 169 9.47 -1.88 23.89
N TRP C 170 8.63 -2.77 24.41
CA TRP C 170 7.30 -2.40 24.82
C TRP C 170 7.34 -1.83 26.24
N ILE C 171 7.69 -0.55 26.33
CA ILE C 171 7.74 0.17 27.63
C ILE C 171 6.52 1.06 27.60
N SER C 172 5.55 0.73 28.45
CA SER C 172 4.28 1.45 28.54
C SER C 172 3.52 1.14 29.82
N ASN C 173 2.59 2.03 30.16
CA ASN C 173 1.76 1.91 31.38
C ASN C 173 0.71 0.81 31.34
N THR C 174 -0.32 1.04 30.54
CA THR C 174 -1.46 0.14 30.36
C THR C 174 -1.08 -1.12 29.60
N THR C 175 -1.95 -2.12 29.72
CA THR C 175 -1.79 -3.41 29.05
C THR C 175 -1.90 -3.25 27.53
N TYR C 176 -2.87 -2.45 27.09
CA TYR C 176 -3.10 -2.13 25.69
C TYR C 176 -2.86 -0.65 25.44
N ARG C 177 -1.85 -0.34 24.63
CA ARG C 177 -1.53 1.05 24.31
C ARG C 177 -2.52 1.60 23.29
N GLN C 178 -3.03 2.78 23.59
CA GLN C 178 -4.01 3.47 22.75
C GLN C 178 -3.51 3.84 21.36
N THR C 179 -4.18 3.25 20.35
CA THR C 179 -3.89 3.47 18.91
C THR C 179 -4.63 4.68 18.29
N ILE C 180 -5.39 5.38 19.12
CA ILE C 180 -6.17 6.53 18.69
C ILE C 180 -5.37 7.80 18.68
N ASP C 181 -6.00 8.86 18.18
CA ASP C 181 -5.38 10.17 18.16
C ASP C 181 -5.58 10.86 19.52
N ASP C 182 -4.58 10.69 20.38
CA ASP C 182 -4.62 11.28 21.72
C ASP C 182 -3.76 12.56 21.70
N SER C 183 -3.94 13.39 22.73
CA SER C 183 -3.23 14.66 22.85
C SER C 183 -1.70 14.44 22.69
N PHE C 184 -1.07 13.71 23.62
CA PHE C 184 0.36 13.49 23.47
C PHE C 184 0.70 12.11 24.03
N THR C 185 0.25 11.10 23.26
CA THR C 185 0.47 9.68 23.58
C THR C 185 1.97 9.36 23.47
N GLU C 186 2.40 8.47 24.36
CA GLU C 186 3.79 8.07 24.45
C GLU C 186 4.10 6.55 24.48
N GLY C 187 4.86 6.11 23.49
CA GLY C 187 5.37 7.01 22.47
C GLY C 187 6.86 7.09 22.63
N GLY C 188 7.55 6.30 21.84
CA GLY C 188 9.00 6.27 21.87
C GLY C 188 9.56 7.37 20.97
N TYR C 189 10.88 7.32 20.79
CA TYR C 189 11.61 8.27 19.97
C TYR C 189 12.82 7.70 19.25
N ILE C 190 12.59 7.23 18.03
CA ILE C 190 13.65 6.65 17.23
C ILE C 190 14.24 7.80 16.46
N SER C 191 15.54 7.99 16.64
CA SER C 191 16.27 9.06 15.97
C SER C 191 17.76 8.80 15.86
N VAL C 192 18.28 9.01 14.66
CA VAL C 192 19.69 8.81 14.36
C VAL C 192 20.43 10.13 14.59
N PHE C 193 21.68 10.03 15.01
CA PHE C 193 22.58 11.15 15.28
C PHE C 193 23.99 10.99 14.74
N TYR C 194 24.57 12.11 14.29
CA TYR C 194 25.95 12.11 13.78
C TYR C 194 26.96 11.87 14.90
N GLN C 195 27.20 10.59 15.22
CA GLN C 195 28.15 10.21 16.26
C GLN C 195 29.50 10.84 15.98
N THR C 196 29.81 10.86 14.69
CA THR C 196 31.01 11.42 14.14
C THR C 196 30.49 12.26 13.00
N ARG C 197 31.31 12.46 11.97
CA ARG C 197 30.82 13.15 10.80
C ARG C 197 31.43 12.35 9.64
N ILE C 198 30.58 12.00 8.69
CA ILE C 198 30.92 11.18 7.51
C ILE C 198 32.29 11.37 6.85
N VAL C 199 32.98 10.24 6.77
CA VAL C 199 34.30 10.14 6.18
C VAL C 199 34.03 9.79 4.74
N VAL C 200 34.75 10.43 3.84
CA VAL C 200 34.56 10.14 2.43
C VAL C 200 35.86 9.74 1.76
N PRO C 201 35.80 8.74 0.86
CA PRO C 201 36.98 8.32 0.13
C PRO C 201 37.27 9.39 -0.93
N LEU C 202 38.15 9.07 -1.88
CA LEU C 202 38.56 10.00 -2.95
C LEU C 202 37.56 11.07 -3.41
N SER C 203 36.67 10.77 -4.36
CA SER C 203 35.75 11.80 -4.82
C SER C 203 34.30 11.40 -5.04
N THR C 204 33.75 10.67 -4.06
CA THR C 204 32.35 10.22 -4.04
C THR C 204 31.42 11.46 -4.04
N PRO C 205 30.17 11.35 -4.57
CA PRO C 205 29.25 12.50 -4.56
C PRO C 205 29.03 13.17 -3.19
N ARG C 206 29.55 12.53 -2.14
CA ARG C 206 29.51 12.98 -0.73
C ARG C 206 28.15 13.04 -0.03
N GLU C 207 27.08 12.81 -0.81
CA GLU C 207 25.71 12.81 -0.33
C GLU C 207 25.03 11.54 -0.75
N MET C 208 24.64 10.78 0.27
CA MET C 208 23.98 9.51 0.09
C MET C 208 22.79 9.46 1.01
N ASP C 209 21.99 8.43 0.82
CA ASP C 209 20.79 8.25 1.61
C ASP C 209 20.78 6.95 2.41
N ILE C 210 19.77 6.87 3.27
CA ILE C 210 19.49 5.71 4.11
C ILE C 210 17.98 5.56 4.01
N LEU C 211 17.51 4.32 4.05
CA LEU C 211 16.10 4.05 3.98
C LEU C 211 15.71 3.50 5.35
N GLY C 212 14.42 3.53 5.67
CA GLY C 212 13.94 3.03 6.95
C GLY C 212 12.78 2.08 6.81
N PHE C 213 12.80 1.04 7.63
CA PHE C 213 11.77 0.02 7.62
C PHE C 213 11.19 -0.19 9.00
N VAL C 214 9.89 -0.44 9.05
CA VAL C 214 9.23 -0.64 10.31
C VAL C 214 8.37 -1.91 10.18
N SER C 215 8.20 -2.59 11.31
CA SER C 215 7.41 -3.81 11.38
C SER C 215 7.06 -4.13 12.82
N ALA C 216 5.95 -4.83 13.00
CA ALA C 216 5.52 -5.24 14.31
C ALA C 216 6.25 -6.52 14.65
N CYS C 217 5.93 -7.05 15.83
CA CYS C 217 6.48 -8.31 16.27
C CYS C 217 5.37 -9.27 16.68
N ASN C 218 5.77 -10.53 16.81
CA ASN C 218 4.90 -11.63 17.16
C ASN C 218 4.09 -11.39 18.43
N ASP C 219 4.56 -10.43 19.22
CA ASP C 219 3.93 -10.02 20.47
C ASP C 219 3.01 -8.80 20.28
N PHE C 220 2.77 -8.48 19.00
CA PHE C 220 1.93 -7.35 18.62
C PHE C 220 0.49 -7.79 18.36
N SER C 221 -0.45 -7.10 19.02
CA SER C 221 -1.87 -7.39 18.93
C SER C 221 -2.77 -6.17 18.82
N VAL C 222 -4.03 -6.42 18.45
CA VAL C 222 -5.04 -5.37 18.28
C VAL C 222 -6.46 -5.83 18.70
N ARG C 223 -7.26 -4.88 19.20
CA ARG C 223 -8.64 -5.16 19.64
C ARG C 223 -9.63 -4.00 19.39
N LEU C 224 -10.92 -4.34 19.44
CA LEU C 224 -12.07 -3.44 19.20
C LEU C 224 -11.95 -2.88 17.80
N LEU C 225 -12.42 -3.67 16.86
CA LEU C 225 -12.41 -3.36 15.45
C LEU C 225 -13.14 -2.06 15.15
N ARG C 226 -12.38 -1.00 14.90
CA ARG C 226 -12.98 0.28 14.56
C ARG C 226 -12.81 0.47 13.08
N ASP C 227 -13.26 1.62 12.56
CA ASP C 227 -13.19 1.86 11.11
C ASP C 227 -13.29 3.31 10.66
N THR C 228 -13.58 3.45 9.37
CA THR C 228 -13.78 4.69 8.59
C THR C 228 -13.48 4.40 7.11
N THR C 229 -14.16 5.15 6.25
CA THR C 229 -14.08 5.09 4.77
C THR C 229 -14.93 6.30 4.36
N HIS C 230 -14.68 6.87 3.17
CA HIS C 230 -15.44 8.05 2.74
C HIS C 230 -15.77 8.07 1.23
N GLN D 1 -4.22 16.21 9.46
CA GLN D 1 -4.72 16.38 10.87
C GLN D 1 -4.63 17.86 11.26
N VAL D 2 -3.40 18.38 11.35
CA VAL D 2 -3.20 19.78 11.69
C VAL D 2 -2.82 20.42 10.36
N GLN D 3 -3.41 21.58 10.06
CA GLN D 3 -3.16 22.30 8.81
C GLN D 3 -2.94 23.79 9.13
N LEU D 4 -1.67 24.13 9.36
CA LEU D 4 -1.28 25.49 9.75
C LEU D 4 -0.93 26.36 8.54
N GLN D 5 -1.61 27.49 8.46
CA GLN D 5 -1.46 28.42 7.34
C GLN D 5 -0.39 29.49 7.49
N GLU D 6 0.46 29.54 6.47
CA GLU D 6 1.59 30.47 6.37
C GLU D 6 1.13 31.88 6.03
N SER D 7 1.19 32.75 7.04
CA SER D 7 0.77 34.14 6.89
C SER D 7 1.93 35.13 7.00
N GLY D 8 1.73 36.30 6.41
CA GLY D 8 2.71 37.37 6.41
C GLY D 8 3.63 37.46 5.20
N GLY D 9 3.50 36.51 4.28
CA GLY D 9 4.32 36.49 3.07
C GLY D 9 4.00 37.55 2.03
N GLY D 10 5.03 38.33 1.68
CA GLY D 10 4.92 39.40 0.68
C GLY D 10 6.25 39.82 0.08
N SER D 11 6.19 40.54 -1.04
CA SER D 11 7.40 41.02 -1.74
C SER D 11 7.86 42.36 -1.16
N VAL D 12 8.99 42.33 -0.43
CA VAL D 12 9.55 43.54 0.21
C VAL D 12 10.76 44.17 -0.53
N GLN D 13 11.77 44.61 0.23
CA GLN D 13 12.99 45.24 -0.33
C GLN D 13 14.31 44.81 0.35
N PRO D 14 15.47 44.95 -0.38
CA PRO D 14 16.77 44.61 0.23
C PRO D 14 17.14 45.48 1.47
N GLY D 15 17.55 44.83 2.55
CA GLY D 15 17.89 45.50 3.80
C GLY D 15 16.65 45.60 4.67
N GLY D 16 15.53 45.13 4.13
CA GLY D 16 14.26 45.16 4.83
C GLY D 16 13.93 43.99 5.74
N SER D 17 12.70 43.99 6.23
CA SER D 17 12.18 42.97 7.14
C SER D 17 10.80 42.50 6.69
N LEU D 18 10.35 41.44 7.36
CA LEU D 18 9.02 40.88 7.12
C LEU D 18 8.65 39.86 8.22
N THR D 19 7.43 40.05 8.72
CA THR D 19 6.83 39.21 9.76
C THR D 19 6.01 38.07 9.17
N LEU D 20 6.22 36.89 9.71
CA LEU D 20 5.50 35.74 9.24
C LEU D 20 4.85 35.05 10.43
N SER D 21 3.76 34.32 10.15
CA SER D 21 3.03 33.62 11.20
C SER D 21 2.22 32.39 10.75
N CYS D 22 2.09 31.41 11.64
CA CYS D 22 1.33 30.18 11.36
C CYS D 22 0.42 29.78 12.52
N ALA D 23 -0.88 29.79 12.23
CA ALA D 23 -1.90 29.45 13.22
C ALA D 23 -2.22 27.94 13.28
N ALA D 24 -2.28 27.42 14.52
CA ALA D 24 -2.57 26.02 14.79
C ALA D 24 -3.96 25.49 14.43
N SER D 25 -4.02 24.16 14.35
CA SER D 25 -5.22 23.40 14.08
C SER D 25 -4.81 21.98 14.50
N GLY D 26 -5.78 21.08 14.68
CA GLY D 26 -5.50 19.69 15.09
C GLY D 26 -4.99 19.51 16.51
N TYR D 27 -4.17 20.46 16.95
CA TYR D 27 -3.60 20.45 18.28
C TYR D 27 -3.28 21.92 18.58
N ALA D 28 -2.82 22.16 19.82
CA ALA D 28 -2.44 23.49 20.26
C ALA D 28 -0.95 23.57 20.02
N VAL D 29 -0.54 24.44 19.11
CA VAL D 29 0.88 24.61 18.78
C VAL D 29 1.84 24.31 19.91
N SER D 30 1.47 24.71 21.13
CA SER D 30 2.26 24.51 22.33
C SER D 30 2.97 23.15 22.55
N ARG D 31 2.40 22.03 22.10
CA ARG D 31 3.09 20.76 22.28
C ARG D 31 4.23 20.50 21.27
N TYR D 32 3.90 20.57 19.97
CA TYR D 32 4.88 20.45 18.87
C TYR D 32 5.48 21.85 18.86
N SER D 33 6.58 22.08 18.15
CA SER D 33 7.16 23.42 18.11
C SER D 33 6.82 23.92 16.73
N MET D 34 7.66 24.82 16.20
CA MET D 34 7.45 25.35 14.87
C MET D 34 8.70 26.02 14.32
N GLY D 35 8.90 25.88 13.02
CA GLY D 35 10.04 26.45 12.35
C GLY D 35 9.80 26.83 10.90
N TRP D 36 10.84 27.39 10.26
CA TRP D 36 10.78 27.84 8.86
C TRP D 36 11.91 27.38 7.95
N PHE D 37 11.51 26.97 6.75
CA PHE D 37 12.43 26.51 5.72
C PHE D 37 12.22 27.28 4.43
N ARG D 38 13.30 27.86 3.92
CA ARG D 38 13.27 28.63 2.67
C ARG D 38 13.94 27.89 1.51
N GLN D 39 13.17 27.04 0.86
CA GLN D 39 13.69 26.28 -0.27
C GLN D 39 13.84 27.20 -1.48
N ALA D 40 15.06 27.72 -1.63
CA ALA D 40 15.40 28.60 -2.74
C ALA D 40 15.05 27.92 -4.06
N PRO D 41 14.38 28.66 -4.98
CA PRO D 41 13.98 28.05 -6.25
C PRO D 41 15.10 27.33 -7.03
N GLY D 42 14.93 26.00 -7.18
CA GLY D 42 15.90 25.14 -7.86
C GLY D 42 16.99 24.52 -6.98
N LYS D 43 16.94 24.80 -5.68
CA LYS D 43 17.89 24.26 -4.70
C LYS D 43 17.11 23.53 -3.61
N GLU D 44 17.80 22.84 -2.72
CA GLU D 44 17.14 22.09 -1.62
C GLU D 44 16.47 22.97 -0.55
N ASN D 45 15.81 22.32 0.40
CA ASN D 45 15.18 23.02 1.50
C ASN D 45 16.33 23.64 2.28
N GLU D 46 16.13 24.86 2.78
CA GLU D 46 17.18 25.55 3.52
C GLU D 46 16.63 26.08 4.85
N GLY D 47 17.17 25.55 5.95
CA GLY D 47 16.75 25.92 7.31
C GLY D 47 17.14 27.35 7.67
N VAL D 48 16.21 28.04 8.35
CA VAL D 48 16.45 29.43 8.81
C VAL D 48 16.25 29.66 10.32
N ALA D 49 15.04 29.41 10.83
CA ALA D 49 14.75 29.62 12.26
C ALA D 49 13.82 28.61 12.87
N ALA D 50 14.10 28.27 14.13
CA ALA D 50 13.33 27.32 14.91
C ALA D 50 13.25 27.71 16.38
N ILE D 51 12.10 27.43 17.00
CA ILE D 51 11.86 27.77 18.40
C ILE D 51 10.94 26.75 19.06
N ASP D 52 11.22 26.42 20.31
CA ASP D 52 10.40 25.49 21.06
C ASP D 52 9.32 26.26 21.80
N SER D 53 8.15 25.63 21.87
CA SER D 53 6.98 26.21 22.52
C SER D 53 7.12 26.21 24.05
N SER D 54 6.83 25.04 24.65
CA SER D 54 6.91 24.87 26.11
C SER D 54 8.36 24.63 26.60
N GLY D 55 9.22 25.60 26.27
CA GLY D 55 10.64 25.59 26.59
C GLY D 55 11.35 26.43 25.55
N VAL D 56 11.18 27.74 25.65
CA VAL D 56 11.77 28.72 24.71
C VAL D 56 13.31 28.86 24.70
N GLY D 57 13.87 28.42 23.59
CA GLY D 57 15.30 28.47 23.37
C GLY D 57 15.40 28.40 21.85
N THR D 58 15.80 29.51 21.22
CA THR D 58 15.89 29.63 19.75
C THR D 58 17.18 29.12 19.10
N THR D 59 17.03 28.69 17.83
CA THR D 59 18.13 28.20 17.02
C THR D 59 18.04 28.82 15.62
N TYR D 60 19.16 29.36 15.14
CA TYR D 60 19.16 29.97 13.81
C TYR D 60 20.22 29.35 12.96
N ALA D 61 20.06 29.53 11.65
CA ALA D 61 21.04 29.04 10.69
C ALA D 61 22.11 30.12 10.71
N ASP D 62 23.35 29.74 10.44
CA ASP D 62 24.49 30.69 10.45
C ASP D 62 24.49 31.74 9.32
N SER D 63 23.80 31.42 8.24
CA SER D 63 23.66 32.29 7.08
C SER D 63 22.73 33.47 7.32
N VAL D 64 21.92 33.34 8.38
CA VAL D 64 20.94 34.35 8.78
C VAL D 64 21.03 34.68 10.28
N LYS D 65 22.13 34.26 10.90
CA LYS D 65 22.33 34.47 12.33
C LYS D 65 22.60 35.92 12.73
N GLY D 66 21.90 36.34 13.78
CA GLY D 66 22.01 37.69 14.30
C GLY D 66 20.89 38.59 13.80
N ARG D 67 20.79 38.68 12.46
CA ARG D 67 19.80 39.49 11.73
C ARG D 67 18.35 38.98 11.88
N PHE D 68 18.16 37.68 11.73
CA PHE D 68 16.85 37.03 11.82
C PHE D 68 16.41 36.65 13.23
N THR D 69 15.12 36.82 13.46
CA THR D 69 14.50 36.54 14.76
C THR D 69 13.26 35.62 14.62
N ILE D 70 12.93 34.92 15.70
CA ILE D 70 11.78 34.03 15.74
C ILE D 70 11.20 34.11 17.16
N SER D 71 9.87 34.13 17.25
CA SER D 71 9.17 34.20 18.54
C SER D 71 7.88 33.38 18.55
N ARG D 72 7.36 33.13 19.74
CA ARG D 72 6.14 32.35 19.90
C ARG D 72 5.14 32.82 20.93
N ASP D 73 3.89 32.52 20.62
CA ASP D 73 2.78 32.80 21.51
C ASP D 73 1.90 31.58 21.38
N ASN D 74 1.88 30.83 22.47
CA ASN D 74 1.14 29.58 22.60
C ASN D 74 -0.32 29.87 22.92
N ALA D 75 -0.60 31.10 23.36
CA ALA D 75 -1.95 31.53 23.70
C ALA D 75 -2.77 31.95 22.47
N LYS D 76 -2.09 32.53 21.48
CA LYS D 76 -2.74 32.94 20.24
C LYS D 76 -2.62 31.86 19.18
N ASP D 77 -2.01 30.75 19.58
CA ASP D 77 -1.79 29.57 18.72
C ASP D 77 -0.94 29.83 17.45
N THR D 78 -0.23 30.95 17.44
CA THR D 78 0.56 31.34 16.29
C THR D 78 2.06 31.42 16.59
N VAL D 79 2.84 31.18 15.54
CA VAL D 79 4.31 31.25 15.58
C VAL D 79 4.75 32.46 14.74
N TYR D 80 5.68 33.24 15.30
CA TYR D 80 6.12 34.48 14.68
C TYR D 80 7.53 34.54 14.08
N LEU D 81 7.62 34.54 12.75
CA LEU D 81 8.92 34.60 12.12
C LEU D 81 9.33 36.03 11.77
N ARG D 82 10.35 36.51 12.48
CA ARG D 82 10.88 37.86 12.25
C ARG D 82 12.14 37.81 11.39
N MET D 83 11.97 38.16 10.13
CA MET D 83 13.08 38.16 9.20
C MET D 83 13.55 39.59 9.08
N ASN D 84 14.79 39.84 9.45
CA ASN D 84 15.32 41.20 9.35
C ASN D 84 16.45 41.28 8.33
N SER D 85 16.85 42.51 8.01
CA SER D 85 17.94 42.82 7.07
C SER D 85 18.02 41.98 5.78
N LEU D 86 16.82 41.63 5.26
CA LEU D 86 16.60 40.83 4.06
C LEU D 86 17.41 41.27 2.83
N LYS D 87 17.93 40.31 2.08
CA LYS D 87 18.79 40.58 0.92
C LYS D 87 18.30 39.84 -0.35
N PRO D 88 18.96 40.06 -1.52
CA PRO D 88 18.56 39.34 -2.78
C PRO D 88 18.57 37.80 -2.83
N GLU D 89 19.35 37.16 -1.95
CA GLU D 89 19.43 35.69 -1.91
C GLU D 89 18.24 35.18 -1.11
N ASP D 90 17.84 36.00 -0.13
CA ASP D 90 16.73 35.74 0.78
C ASP D 90 15.38 35.67 0.05
N THR D 91 15.46 35.53 -1.27
CA THR D 91 14.33 35.39 -2.16
C THR D 91 14.24 33.86 -2.37
N ALA D 92 13.31 33.24 -1.66
CA ALA D 92 13.09 31.80 -1.70
C ALA D 92 11.62 31.48 -1.48
N ILE D 93 11.28 30.20 -1.51
CA ILE D 93 9.91 29.77 -1.25
C ILE D 93 9.97 29.37 0.22
N TYR D 94 9.41 30.23 1.06
CA TYR D 94 9.40 30.03 2.50
C TYR D 94 8.35 29.02 2.93
N TYR D 95 8.59 28.37 4.06
CA TYR D 95 7.68 27.37 4.59
C TYR D 95 7.74 27.25 6.11
N CYS D 96 6.60 26.98 6.72
CA CYS D 96 6.58 26.77 8.15
C CYS D 96 6.16 25.32 8.36
N ALA D 97 6.72 24.69 9.38
CA ALA D 97 6.40 23.30 9.67
C ALA D 97 6.51 23.02 11.16
N SER D 98 5.86 21.96 11.60
CA SER D 98 5.90 21.59 13.02
C SER D 98 6.64 20.27 13.26
N GLY D 99 7.66 20.31 14.12
CA GLY D 99 8.44 19.12 14.40
C GLY D 99 8.76 18.87 15.86
N PHE D 100 9.95 18.32 16.10
CA PHE D 100 10.41 18.01 17.45
C PHE D 100 11.88 18.41 17.62
N GLY D 101 12.23 19.65 17.97
CA GLY D 101 11.37 20.79 18.22
C GLY D 101 11.24 21.61 16.94
N LEU D 102 12.03 22.66 16.64
CA LEU D 102 13.20 23.38 17.30
C LEU D 102 14.64 22.86 16.89
N SER D 103 14.67 22.27 15.71
CA SER D 103 15.87 21.69 15.15
C SER D 103 15.80 21.69 13.63
N LEU D 104 16.41 22.72 13.05
CA LEU D 104 16.44 22.92 11.61
C LEU D 104 17.15 21.76 10.94
N SER D 105 16.40 20.73 10.54
CA SER D 105 17.04 19.57 9.91
C SER D 105 16.29 18.96 8.73
N ARG D 106 16.16 19.75 7.66
CA ARG D 106 15.48 19.32 6.41
C ARG D 106 14.08 18.77 6.60
N TYR D 107 13.91 18.15 7.75
CA TYR D 107 12.70 17.53 8.17
C TYR D 107 12.71 17.59 9.71
N THR D 108 12.21 16.53 10.37
CA THR D 108 12.07 16.41 11.84
C THR D 108 10.96 17.43 12.10
N TYR D 109 10.11 17.48 11.10
CA TYR D 109 8.94 18.31 11.00
C TYR D 109 7.90 17.46 10.30
N ALA D 110 6.68 17.58 10.79
CA ALA D 110 5.56 16.81 10.29
C ALA D 110 4.71 17.52 9.23
N TYR D 111 3.73 18.27 9.69
CA TYR D 111 2.82 18.98 8.84
C TYR D 111 3.50 20.28 8.45
N TRP D 112 3.54 20.53 7.15
CA TRP D 112 4.17 21.73 6.57
C TRP D 112 3.18 22.85 6.28
N GLY D 113 3.27 23.40 5.08
CA GLY D 113 2.38 24.47 4.66
C GLY D 113 2.18 24.47 3.14
N GLN D 114 1.76 25.61 2.62
CA GLN D 114 1.49 25.80 1.18
C GLN D 114 2.67 26.40 0.42
N GLY D 115 3.44 27.23 1.12
CA GLY D 115 4.59 27.91 0.54
C GLY D 115 4.32 29.37 0.27
N THR D 116 4.90 30.23 1.09
CA THR D 116 4.73 31.69 0.95
C THR D 116 6.01 32.29 0.34
N GLN D 117 5.86 33.00 -0.78
CA GLN D 117 7.03 33.57 -1.45
C GLN D 117 7.34 35.05 -1.14
N VAL D 118 8.51 35.23 -0.53
CA VAL D 118 9.02 36.55 -0.14
C VAL D 118 10.15 36.92 -1.11
N THR D 119 9.80 37.80 -2.05
CA THR D 119 10.73 38.32 -3.06
C THR D 119 11.26 39.64 -2.48
N VAL D 120 12.37 39.50 -1.74
CA VAL D 120 13.05 40.60 -1.08
C VAL D 120 13.43 41.68 -2.11
N SER D 121 14.41 41.39 -2.98
CA SER D 121 14.84 42.34 -4.02
C SER D 121 13.81 42.33 -5.16
N SER D 122 12.73 43.07 -4.90
CA SER D 122 11.61 43.23 -5.83
C SER D 122 11.90 44.37 -6.79
N HIS D 123 12.70 45.32 -6.33
CA HIS D 123 13.08 46.47 -7.14
C HIS D 123 14.52 46.29 -7.65
N HIS D 124 14.71 46.66 -8.92
CA HIS D 124 16.00 46.57 -9.64
C HIS D 124 16.77 47.92 -9.69
#